data_6AU1
#
_entry.id   6AU1
#
_cell.length_a   72.102
_cell.length_b   91.649
_cell.length_c   75.295
_cell.angle_alpha   90.00
_cell.angle_beta   111.51
_cell.angle_gamma   90.00
#
_symmetry.space_group_name_H-M   'P 1 21 1'
#
loop_
_entity.id
_entity.type
_entity.pdbx_description
1 polymer 'Putative hemin storage protein'
2 non-polymer 'SULFATE ION'
3 non-polymer 1,2-ETHANEDIOL
4 non-polymer 'CHLORIDE ION'
5 water water
#
_entity_poly.entity_id   1
_entity_poly.type   'polypeptide(L)'
_entity_poly.pdbx_seq_one_letter_code
;GSHMPIERIVQVDLDYIYDPDPEQQNRNLGQLIDRMKDLAPSAVYLQAFADPKGDGDITEVYFPNRHLPMRADLFNRVAW
QLKTRAGVMVYAWLPVLTFSVPPGNPAYGKVVQSTTRKPGERGLGSPTRLSPFHPDAHRVISEIYEDLAKAAHFDGLLFH
DDAVLDDTEDSSPEALATYQGWGLPPDIAAIRADPKLAQQWSKGKIRYLIDFTMHLRHIVSGYQNDRDMVVARNLYAQPV
LDPVSEAWYGQSLPEFLKSYDFVALMAMPNMEGAARPEQWMRQLVAAVARQKGLDRTIFELQARDWRVGKPIDTEILRRQ
MVQLRSLGAINYGYYPDDFIANHPDAEALRDVMSLKS
;
_entity_poly.pdbx_strand_id   A,B
#
# COMPACT_ATOMS: atom_id res chain seq x y z
N PRO A 5 -10.07 37.64 -1.21
CA PRO A 5 -10.56 36.25 -1.24
C PRO A 5 -9.67 35.31 -0.42
N ILE A 6 -10.27 34.54 0.48
CA ILE A 6 -9.50 33.65 1.34
C ILE A 6 -10.16 32.27 1.42
N GLU A 7 -9.36 31.22 1.25
CA GLU A 7 -9.87 29.86 1.43
C GLU A 7 -9.30 29.27 2.70
N ARG A 8 -10.18 28.65 3.47
CA ARG A 8 -9.80 27.92 4.67
C ARG A 8 -10.56 26.64 4.57
N ILE A 9 -9.88 25.53 4.33
CA ILE A 9 -10.62 24.33 3.97
C ILE A 9 -10.37 23.18 4.92
N VAL A 10 -11.34 22.27 4.93
CA VAL A 10 -11.24 21.04 5.71
C VAL A 10 -11.52 19.89 4.78
N GLN A 11 -10.62 18.92 4.71
CA GLN A 11 -10.86 17.75 3.87
C GLN A 11 -11.36 16.60 4.75
N VAL A 12 -12.43 15.95 4.31
CA VAL A 12 -13.16 15.01 5.15
C VAL A 12 -13.35 13.65 4.50
N ASP A 13 -13.06 12.60 5.26
CA ASP A 13 -13.24 11.23 4.78
C ASP A 13 -14.65 10.73 5.04
N LEU A 14 -15.37 10.35 3.99
CA LEU A 14 -16.62 9.62 4.19
C LEU A 14 -16.34 8.25 4.80
N ASP A 15 -15.11 7.75 4.63
CA ASP A 15 -14.71 6.49 5.28
C ASP A 15 -14.81 6.61 6.80
N TYR A 16 -14.72 7.84 7.33
CA TYR A 16 -14.84 8.06 8.77
C TYR A 16 -16.31 8.13 9.21
N ILE A 17 -17.19 8.52 8.29
CA ILE A 17 -18.62 8.64 8.57
C ILE A 17 -19.31 7.29 8.47
N TYR A 18 -18.98 6.55 7.41
CA TYR A 18 -19.63 5.26 7.12
C TYR A 18 -19.67 4.33 8.32
N ASP A 19 -20.80 3.67 8.54
CA ASP A 19 -20.89 2.58 9.51
C ASP A 19 -21.99 1.63 9.07
N PRO A 20 -21.75 0.32 9.22
CA PRO A 20 -22.81 -0.65 8.86
C PRO A 20 -24.08 -0.45 9.66
N ASP A 21 -23.95 0.19 10.83
CA ASP A 21 -25.10 0.57 11.64
C ASP A 21 -25.50 1.99 11.23
N PRO A 22 -26.64 2.14 10.54
CA PRO A 22 -27.00 3.46 10.01
C PRO A 22 -27.24 4.49 11.13
N GLU A 23 -27.55 4.03 12.33
CA GLU A 23 -27.77 4.97 13.42
C GLU A 23 -26.44 5.49 13.96
N GLN A 24 -25.43 4.64 14.01
CA GLN A 24 -24.07 5.12 14.33
C GLN A 24 -23.55 6.06 13.26
N GLN A 25 -23.86 5.74 12.00
CA GLN A 25 -23.47 6.58 10.88
C GLN A 25 -24.10 7.97 11.02
N ASN A 26 -25.36 8.02 11.45
CA ASN A 26 -26.03 9.29 11.68
C ASN A 26 -25.37 10.09 12.80
N ARG A 27 -25.01 9.41 13.87
CA ARG A 27 -24.34 10.09 14.98
C ARG A 27 -22.99 10.65 14.53
N ASN A 28 -22.28 9.86 13.73
CA ASN A 28 -21.01 10.32 13.15
C ASN A 28 -21.21 11.60 12.35
N LEU A 29 -22.18 11.58 11.45
CA LEU A 29 -22.50 12.73 10.63
C LEU A 29 -22.84 13.95 11.50
N GLY A 30 -23.64 13.73 12.53
CA GLY A 30 -24.00 14.80 13.45
C GLY A 30 -22.78 15.49 14.06
N GLN A 31 -21.78 14.69 14.43
CA GLN A 31 -20.57 15.26 15.04
C GLN A 31 -19.79 16.09 14.03
N LEU A 32 -19.76 15.63 12.78
CA LEU A 32 -19.08 16.37 11.73
C LEU A 32 -19.76 17.72 11.50
N ILE A 33 -21.08 17.70 11.35
CA ILE A 33 -21.82 18.91 11.07
C ILE A 33 -21.60 19.93 12.17
N ASP A 34 -21.65 19.49 13.42
CA ASP A 34 -21.44 20.40 14.55
C ASP A 34 -20.07 21.07 14.51
N ARG A 35 -19.04 20.30 14.20
CA ARG A 35 -17.68 20.84 14.12
C ARG A 35 -17.53 21.83 12.98
N MET A 36 -18.11 21.50 11.82
CA MET A 36 -17.98 22.40 10.67
C MET A 36 -18.79 23.68 10.87
N LYS A 37 -19.94 23.59 11.54
CA LYS A 37 -20.72 24.79 11.85
C LYS A 37 -19.89 25.71 12.74
N ASP A 38 -19.17 25.10 13.68
CA ASP A 38 -18.37 25.82 14.66
C ASP A 38 -17.12 26.45 14.02
N LEU A 39 -16.46 25.68 13.17
CA LEU A 39 -15.19 26.06 12.58
C LEU A 39 -15.39 27.03 11.42
N ALA A 40 -16.54 26.90 10.76
CA ALA A 40 -16.92 27.76 9.63
C ALA A 40 -15.81 27.94 8.58
N PRO A 41 -15.31 26.84 8.01
CA PRO A 41 -14.37 26.97 6.90
C PRO A 41 -15.06 27.51 5.64
N SER A 42 -14.29 27.93 4.65
CA SER A 42 -14.88 28.36 3.39
C SER A 42 -15.46 27.17 2.65
N ALA A 43 -14.79 26.03 2.74
CA ALA A 43 -15.19 24.84 1.98
C ALA A 43 -14.79 23.55 2.70
N VAL A 44 -15.62 22.52 2.53
CA VAL A 44 -15.22 21.15 2.86
C VAL A 44 -14.94 20.38 1.59
N TYR A 45 -13.78 19.74 1.54
CA TYR A 45 -13.43 18.86 0.44
C TYR A 45 -13.88 17.46 0.82
N LEU A 46 -14.96 16.99 0.20
CA LEU A 46 -15.67 15.81 0.71
C LEU A 46 -15.43 14.56 -0.15
N GLN A 47 -14.85 13.54 0.47
CA GLN A 47 -14.57 12.26 -0.20
C GLN A 47 -15.82 11.65 -0.84
N ALA A 48 -15.77 11.35 -2.14
CA ALA A 48 -16.94 10.78 -2.81
C ALA A 48 -16.73 9.29 -3.12
N PHE A 49 -15.52 8.81 -2.83
CA PHE A 49 -15.10 7.42 -3.10
C PHE A 49 -14.73 6.72 -1.80
N ALA A 50 -14.71 5.38 -1.80
CA ALA A 50 -14.35 4.65 -0.59
C ALA A 50 -12.92 4.11 -0.69
N ASP A 51 -12.15 4.30 0.37
CA ASP A 51 -10.78 3.78 0.43
C ASP A 51 -10.47 3.29 1.86
N PRO A 52 -11.33 2.42 2.43
CA PRO A 52 -11.14 2.09 3.85
C PRO A 52 -9.84 1.34 4.13
N LYS A 53 -9.29 0.64 3.14
CA LYS A 53 -8.04 -0.10 3.36
C LYS A 53 -6.82 0.81 3.22
N GLY A 54 -7.01 1.99 2.65
CA GLY A 54 -5.94 2.97 2.55
C GLY A 54 -4.86 2.57 1.55
N ASP A 55 -5.21 1.71 0.61
CA ASP A 55 -4.25 1.28 -0.41
C ASP A 55 -4.49 1.94 -1.77
N GLY A 56 -5.58 2.70 -1.88
CA GLY A 56 -5.91 3.39 -3.11
C GLY A 56 -6.55 2.53 -4.20
N ASP A 57 -6.91 1.30 -3.83
CA ASP A 57 -7.61 0.39 -4.75
C ASP A 57 -9.10 0.65 -4.57
N ILE A 58 -9.66 1.44 -5.48
CA ILE A 58 -11.00 1.99 -5.28
C ILE A 58 -12.02 1.12 -6.03
N THR A 59 -12.65 0.20 -5.31
CA THR A 59 -13.65 -0.68 -5.92
C THR A 59 -15.07 -0.17 -5.70
N GLU A 60 -15.26 0.77 -4.77
CA GLU A 60 -16.60 1.23 -4.40
C GLU A 60 -16.61 2.74 -4.21
N VAL A 61 -17.76 3.37 -4.45
CA VAL A 61 -17.89 4.80 -4.20
C VAL A 61 -19.12 5.08 -3.36
N TYR A 62 -19.37 6.36 -3.08
CA TYR A 62 -20.47 6.72 -2.16
C TYR A 62 -21.63 7.42 -2.87
N PHE A 63 -21.82 7.08 -4.15
CA PHE A 63 -22.93 7.66 -4.92
C PHE A 63 -23.32 6.65 -6.01
N PRO A 64 -24.59 6.65 -6.43
CA PRO A 64 -25.07 5.68 -7.42
C PRO A 64 -24.47 6.00 -8.79
N ASN A 65 -24.03 4.97 -9.50
CA ASN A 65 -23.40 5.18 -10.79
C ASN A 65 -23.41 3.88 -11.59
N ARG A 66 -23.05 3.98 -12.86
CA ARG A 66 -23.14 2.87 -13.81
C ARG A 66 -22.08 1.78 -13.70
N HIS A 67 -20.98 2.10 -13.04
CA HIS A 67 -19.77 1.29 -13.19
C HIS A 67 -19.25 0.62 -11.92
N LEU A 68 -19.29 1.34 -10.80
CA LEU A 68 -18.76 0.80 -9.53
C LEU A 68 -19.86 0.57 -8.51
N PRO A 69 -19.76 -0.50 -7.73
CA PRO A 69 -20.71 -0.69 -6.63
C PRO A 69 -20.66 0.47 -5.66
N MET A 70 -21.78 0.70 -5.00
CA MET A 70 -21.89 1.76 -4.01
C MET A 70 -21.73 1.14 -2.61
N ARG A 71 -20.79 1.65 -1.83
CA ARG A 71 -20.60 1.20 -0.45
C ARG A 71 -21.74 1.68 0.44
N ALA A 72 -22.16 2.91 0.16
CA ALA A 72 -23.30 3.52 0.85
C ALA A 72 -23.74 4.70 0.02
N ASP A 73 -25.03 5.00 0.01
CA ASP A 73 -25.50 6.20 -0.69
C ASP A 73 -25.37 7.38 0.26
N LEU A 74 -24.18 7.99 0.28
CA LEU A 74 -23.84 8.85 1.40
C LEU A 74 -23.36 10.23 0.99
N PHE A 75 -22.71 10.33 -0.18
CA PHE A 75 -22.16 11.64 -0.56
C PHE A 75 -23.23 12.72 -0.67
N ASN A 76 -24.33 12.42 -1.35
CA ASN A 76 -25.37 13.44 -1.55
C ASN A 76 -25.89 13.97 -0.21
N ARG A 77 -26.13 13.10 0.74
CA ARG A 77 -26.78 13.58 1.97
C ARG A 77 -25.79 14.31 2.88
N VAL A 78 -24.52 13.92 2.88
CA VAL A 78 -23.52 14.63 3.67
C VAL A 78 -23.25 15.99 3.05
N ALA A 79 -23.20 16.04 1.72
CA ALA A 79 -23.01 17.31 1.03
C ALA A 79 -24.18 18.26 1.33
N TRP A 80 -25.41 17.77 1.25
CA TRP A 80 -26.55 18.65 1.53
C TRP A 80 -26.54 19.14 2.97
N GLN A 81 -26.18 18.27 3.92
CA GLN A 81 -26.22 18.69 5.32
C GLN A 81 -25.11 19.67 5.63
N LEU A 82 -23.92 19.45 5.06
CA LEU A 82 -22.84 20.43 5.19
C LEU A 82 -23.27 21.79 4.63
N LYS A 83 -23.89 21.79 3.46
CA LYS A 83 -24.31 23.05 2.83
C LYS A 83 -25.38 23.77 3.64
N THR A 84 -26.41 23.04 4.05
CA THR A 84 -27.56 23.67 4.66
C THR A 84 -27.41 23.92 6.16
N ARG A 85 -26.73 23.01 6.86
CA ARG A 85 -26.64 23.13 8.31
C ARG A 85 -25.35 23.84 8.76
N ALA A 86 -24.25 23.60 8.06
CA ALA A 86 -22.97 24.22 8.43
C ALA A 86 -22.67 25.46 7.59
N GLY A 87 -23.37 25.62 6.47
CA GLY A 87 -23.21 26.77 5.60
C GLY A 87 -21.87 26.87 4.89
N VAL A 88 -21.26 25.73 4.59
CA VAL A 88 -19.99 25.72 3.87
C VAL A 88 -20.19 25.31 2.43
N MET A 89 -19.25 25.69 1.57
CA MET A 89 -19.20 25.15 0.21
CA MET A 89 -19.20 25.15 0.21
C MET A 89 -18.71 23.70 0.28
N VAL A 90 -19.17 22.89 -0.66
CA VAL A 90 -18.73 21.49 -0.68
C VAL A 90 -18.11 21.13 -2.01
N TYR A 91 -16.89 20.60 -1.99
CA TYR A 91 -16.26 20.10 -3.21
C TYR A 91 -16.32 18.59 -3.21
N ALA A 92 -16.63 17.99 -4.36
CA ALA A 92 -16.55 16.55 -4.49
C ALA A 92 -15.11 16.15 -4.75
N TRP A 93 -14.57 15.33 -3.85
CA TRP A 93 -13.19 14.84 -3.96
C TRP A 93 -13.24 13.44 -4.58
N LEU A 94 -12.70 13.28 -5.79
CA LEU A 94 -12.82 12.03 -6.53
C LEU A 94 -11.49 11.71 -7.21
N PRO A 95 -11.18 10.43 -7.40
CA PRO A 95 -9.98 10.07 -8.16
C PRO A 95 -10.09 10.55 -9.61
N VAL A 96 -8.95 10.76 -10.24
CA VAL A 96 -8.91 11.07 -11.64
C VAL A 96 -8.84 9.78 -12.47
N LEU A 97 -8.07 8.81 -11.95
CA LEU A 97 -7.74 7.59 -12.70
C LEU A 97 -8.07 6.28 -11.97
N THR A 98 -7.95 6.27 -10.65
CA THR A 98 -8.05 4.99 -9.91
C THR A 98 -9.49 4.57 -9.66
N PHE A 99 -10.03 3.78 -10.59
CA PHE A 99 -11.33 3.15 -10.43
C PHE A 99 -11.17 1.69 -10.78
N SER A 100 -11.32 0.81 -9.79
CA SER A 100 -11.15 -0.63 -10.00
C SER A 100 -12.48 -1.24 -10.40
N VAL A 101 -12.83 -1.04 -11.67
CA VAL A 101 -14.06 -1.56 -12.25
C VAL A 101 -14.06 -3.09 -12.22
N PRO A 102 -15.25 -3.69 -12.20
CA PRO A 102 -15.34 -5.15 -12.17
C PRO A 102 -14.99 -5.78 -13.50
N PRO A 103 -14.59 -7.06 -13.50
CA PRO A 103 -14.34 -7.76 -14.77
C PRO A 103 -15.57 -7.65 -15.68
N GLY A 104 -15.37 -7.51 -16.98
CA GLY A 104 -16.50 -7.38 -17.88
C GLY A 104 -16.85 -5.92 -18.16
N ASN A 105 -16.41 -5.02 -17.29
CA ASN A 105 -16.43 -3.59 -17.61
C ASN A 105 -15.47 -3.35 -18.78
N PRO A 106 -15.87 -2.52 -19.75
CA PRO A 106 -15.02 -2.25 -20.92
C PRO A 106 -13.63 -1.73 -20.56
N ALA A 107 -13.50 -1.04 -19.42
CA ALA A 107 -12.21 -0.49 -19.03
C ALA A 107 -11.39 -1.44 -18.17
N TYR A 108 -11.91 -2.64 -17.88
CA TYR A 108 -11.23 -3.55 -16.97
C TYR A 108 -9.82 -3.88 -17.47
N GLY A 109 -8.83 -3.62 -16.63
CA GLY A 109 -7.45 -3.96 -16.94
C GLY A 109 -6.75 -2.96 -17.84
N LYS A 110 -7.46 -1.92 -18.27
CA LYS A 110 -6.88 -0.91 -19.15
C LYS A 110 -6.20 0.14 -18.30
N VAL A 111 -5.12 -0.28 -17.65
CA VAL A 111 -4.44 0.53 -16.65
C VAL A 111 -3.13 1.09 -17.19
N VAL A 112 -2.61 2.08 -16.46
CA VAL A 112 -1.29 2.66 -16.75
C VAL A 112 -0.21 1.60 -16.68
N GLN A 113 0.59 1.52 -17.74
CA GLN A 113 1.68 0.55 -17.77
C GLN A 113 3.00 1.26 -17.59
N SER A 114 3.99 0.52 -17.08
CA SER A 114 5.35 1.03 -16.87
C SER A 114 6.35 0.17 -17.63
N THR A 115 7.41 0.76 -18.15
CA THR A 115 8.42 -0.02 -18.84
C THR A 115 9.25 -0.92 -17.90
N THR A 116 9.23 -0.60 -16.61
CA THR A 116 10.11 -1.28 -15.66
C THR A 116 9.40 -1.98 -14.51
N ARG A 117 8.22 -1.50 -14.15
CA ARG A 117 7.49 -2.05 -13.01
C ARG A 117 7.04 -3.50 -13.26
N LYS A 118 7.10 -4.32 -12.22
CA LYS A 118 6.69 -5.73 -12.31
C LYS A 118 5.38 -5.90 -11.54
N PRO A 119 4.66 -7.00 -11.79
CA PRO A 119 3.54 -7.27 -10.89
C PRO A 119 4.02 -7.40 -9.44
N GLY A 120 3.14 -7.14 -8.47
CA GLY A 120 3.44 -7.43 -7.09
C GLY A 120 4.17 -6.31 -6.37
N GLU A 121 4.15 -5.13 -6.96
CA GLU A 121 4.81 -3.95 -6.38
C GLU A 121 4.17 -2.67 -6.89
N ARG A 122 4.51 -1.55 -6.26
CA ARG A 122 4.06 -0.27 -6.76
C ARG A 122 5.05 0.85 -6.45
N GLY A 123 4.97 1.92 -7.24
CA GLY A 123 5.67 3.15 -6.91
C GLY A 123 4.71 4.09 -6.19
N LEU A 124 4.87 5.38 -6.44
CA LEU A 124 3.97 6.35 -5.81
C LEU A 124 2.55 6.15 -6.32
N GLY A 125 2.42 6.02 -7.64
CA GLY A 125 1.12 5.80 -8.24
C GLY A 125 0.56 4.41 -7.98
N SER A 126 -0.77 4.30 -7.86
CA SER A 126 -1.41 3.00 -7.69
C SER A 126 -1.37 2.21 -8.99
N PRO A 127 -1.13 0.89 -8.88
CA PRO A 127 -1.22 0.02 -10.07
C PRO A 127 -2.61 0.01 -10.69
N THR A 128 -3.62 0.48 -9.96
CA THR A 128 -5.00 0.48 -10.45
C THR A 128 -5.39 1.72 -11.25
N ARG A 129 -4.47 2.69 -11.39
CA ARG A 129 -4.76 3.85 -12.25
C ARG A 129 -5.19 3.38 -13.64
N LEU A 130 -6.39 3.75 -14.06
CA LEU A 130 -6.80 3.49 -15.43
C LEU A 130 -5.96 4.38 -16.36
N SER A 131 -5.69 3.90 -17.56
CA SER A 131 -4.97 4.71 -18.55
C SER A 131 -5.88 5.74 -19.22
N PRO A 132 -5.60 7.03 -19.02
CA PRO A 132 -6.44 8.03 -19.68
C PRO A 132 -6.16 8.12 -21.18
N PHE A 133 -5.18 7.36 -21.66
CA PHE A 133 -4.92 7.26 -23.10
C PHE A 133 -5.79 6.21 -23.80
N HIS A 134 -6.43 5.33 -23.02
CA HIS A 134 -7.29 4.30 -23.59
C HIS A 134 -8.72 4.82 -23.72
N PRO A 135 -9.29 4.76 -24.93
CA PRO A 135 -10.63 5.33 -25.16
C PRO A 135 -11.72 4.73 -24.27
N ASP A 136 -11.63 3.45 -23.91
CA ASP A 136 -12.67 2.85 -23.07
C ASP A 136 -12.52 3.30 -21.61
N ALA A 137 -11.28 3.41 -21.13
CA ALA A 137 -11.05 3.95 -19.79
C ALA A 137 -11.47 5.42 -19.70
N HIS A 138 -11.11 6.18 -20.74
CA HIS A 138 -11.47 7.60 -20.83
C HIS A 138 -12.99 7.78 -20.70
N ARG A 139 -13.74 6.96 -21.43
CA ARG A 139 -15.19 7.06 -21.42
C ARG A 139 -15.77 6.63 -20.07
N VAL A 140 -15.25 5.54 -19.52
CA VAL A 140 -15.79 5.02 -18.26
C VAL A 140 -15.57 6.04 -17.14
N ILE A 141 -14.38 6.63 -17.05
CA ILE A 141 -14.13 7.66 -16.04
C ILE A 141 -15.08 8.85 -16.27
N SER A 142 -15.22 9.24 -17.52
CA SER A 142 -16.12 10.33 -17.86
C SER A 142 -17.55 10.06 -17.38
N GLU A 143 -17.98 8.82 -17.51
CA GLU A 143 -19.35 8.46 -17.14
C GLU A 143 -19.51 8.40 -15.63
N ILE A 144 -18.46 8.02 -14.92
CA ILE A 144 -18.50 8.04 -13.47
C ILE A 144 -18.66 9.48 -12.97
N TYR A 145 -17.93 10.41 -13.57
CA TYR A 145 -18.07 11.82 -13.22
C TYR A 145 -19.46 12.34 -13.59
N GLU A 146 -19.99 11.90 -14.73
CA GLU A 146 -21.34 12.31 -15.11
C GLU A 146 -22.35 11.83 -14.07
N ASP A 147 -22.18 10.59 -13.63
CA ASP A 147 -23.10 9.99 -12.64
C ASP A 147 -23.00 10.70 -11.29
N LEU A 148 -21.80 11.09 -10.89
CA LEU A 148 -21.63 11.92 -9.69
C LEU A 148 -22.44 13.21 -9.82
N ALA A 149 -22.34 13.86 -10.98
CA ALA A 149 -23.02 15.13 -11.20
C ALA A 149 -24.54 14.97 -11.15
N LYS A 150 -25.01 13.80 -11.60
CA LYS A 150 -26.43 13.48 -11.55
C LYS A 150 -26.90 13.16 -10.13
N ALA A 151 -26.00 12.63 -9.32
CA ALA A 151 -26.39 12.06 -8.02
C ALA A 151 -26.42 13.07 -6.89
N ALA A 152 -25.73 14.20 -7.06
CA ALA A 152 -25.53 15.10 -5.95
C ALA A 152 -25.36 16.54 -6.39
N HIS A 153 -25.58 17.44 -5.45
CA HIS A 153 -25.39 18.87 -5.68
C HIS A 153 -24.16 19.33 -4.90
N PHE A 154 -23.22 19.97 -5.58
CA PHE A 154 -21.99 20.42 -4.91
C PHE A 154 -21.41 21.62 -5.66
N ASP A 155 -20.40 22.23 -5.07
CA ASP A 155 -19.93 23.54 -5.52
C ASP A 155 -18.63 23.50 -6.30
N GLY A 156 -17.89 22.42 -6.15
CA GLY A 156 -16.60 22.31 -6.82
C GLY A 156 -16.14 20.87 -6.91
N LEU A 157 -15.00 20.69 -7.57
CA LEU A 157 -14.35 19.39 -7.66
C LEU A 157 -12.95 19.48 -7.09
N LEU A 158 -12.56 18.50 -6.29
CA LEU A 158 -11.16 18.33 -5.94
C LEU A 158 -10.66 17.08 -6.65
N PHE A 159 -9.78 17.29 -7.62
CA PHE A 159 -9.15 16.16 -8.28
C PHE A 159 -8.04 15.59 -7.38
N HIS A 160 -8.16 14.30 -7.07
CA HIS A 160 -7.30 13.57 -6.13
C HIS A 160 -5.85 13.50 -6.54
N ASP A 161 -4.97 13.15 -5.59
CA ASP A 161 -3.54 13.02 -5.87
C ASP A 161 -3.17 11.72 -6.58
N ASP A 162 -4.17 10.95 -7.03
CA ASP A 162 -3.87 9.70 -7.72
C ASP A 162 -3.40 9.96 -9.14
N ALA A 163 -3.63 11.19 -9.62
CA ALA A 163 -3.27 11.61 -10.97
C ALA A 163 -1.77 11.93 -11.05
N VAL A 164 -0.98 10.87 -11.09
CA VAL A 164 0.47 10.96 -11.24
C VAL A 164 0.89 9.98 -12.31
N LEU A 165 2.00 10.30 -12.98
CA LEU A 165 2.67 9.38 -13.91
C LEU A 165 4.17 9.52 -13.68
N ASP A 166 4.91 8.41 -13.61
CA ASP A 166 6.35 8.57 -13.44
C ASP A 166 7.07 8.53 -14.79
N ASP A 167 8.40 8.51 -14.76
CA ASP A 167 9.15 8.67 -16.00
C ASP A 167 9.33 7.34 -16.75
N THR A 168 8.59 6.32 -16.34
CA THR A 168 8.51 5.04 -17.07
C THR A 168 7.10 4.77 -17.57
N GLU A 169 6.21 5.75 -17.38
CA GLU A 169 4.78 5.61 -17.67
C GLU A 169 4.31 6.75 -18.57
N ASP A 170 3.17 6.62 -19.25
CA ASP A 170 2.38 5.41 -19.46
C ASP A 170 2.97 4.70 -20.68
N SER A 171 3.29 3.41 -20.53
CA SER A 171 3.95 2.65 -21.61
C SER A 171 2.98 1.76 -22.42
N SER A 172 1.69 1.92 -22.15
CA SER A 172 0.67 1.11 -22.83
C SER A 172 0.61 1.50 -24.31
N PRO A 173 0.13 0.58 -25.17
CA PRO A 173 0.14 0.85 -26.62
C PRO A 173 -0.62 2.13 -26.99
N GLU A 174 -1.75 2.37 -26.34
CA GLU A 174 -2.54 3.55 -26.63
C GLU A 174 -1.80 4.83 -26.24
N ALA A 175 -1.03 4.77 -25.15
CA ALA A 175 -0.21 5.92 -24.76
C ALA A 175 0.91 6.16 -25.77
N LEU A 176 1.59 5.09 -26.17
CA LEU A 176 2.67 5.23 -27.14
C LEU A 176 2.15 5.88 -28.42
N ALA A 177 0.95 5.46 -28.84
CA ALA A 177 0.37 6.02 -30.07
C ALA A 177 0.10 7.51 -29.89
N THR A 178 -0.29 7.91 -28.68
CA THR A 178 -0.53 9.32 -28.38
C THR A 178 0.77 10.13 -28.44
N TYR A 179 1.85 9.58 -27.89
CA TYR A 179 3.14 10.26 -27.93
C TYR A 179 3.61 10.46 -29.36
N GLN A 180 3.31 9.49 -30.21
CA GLN A 180 3.68 9.57 -31.63
C GLN A 180 2.96 10.76 -32.25
N GLY A 181 1.71 10.95 -31.84
CA GLY A 181 0.93 12.10 -32.23
C GLY A 181 1.53 13.44 -31.80
N TRP A 182 2.34 13.43 -30.73
CA TRP A 182 2.99 14.64 -30.26
C TRP A 182 4.30 14.90 -30.99
N GLY A 183 4.67 14.00 -31.89
CA GLY A 183 5.93 14.11 -32.60
C GLY A 183 7.10 13.41 -31.92
N LEU A 184 6.79 12.54 -30.96
CA LEU A 184 7.80 11.75 -30.26
C LEU A 184 7.84 10.33 -30.83
N PRO A 185 8.99 9.65 -30.70
CA PRO A 185 8.99 8.24 -31.09
C PRO A 185 8.16 7.43 -30.10
N PRO A 186 7.39 6.44 -30.57
CA PRO A 186 6.55 5.59 -29.71
C PRO A 186 7.41 4.57 -28.96
N ASP A 187 8.36 5.09 -28.18
CA ASP A 187 9.44 4.30 -27.64
C ASP A 187 9.98 5.03 -26.44
N ILE A 188 9.59 4.60 -25.25
CA ILE A 188 9.97 5.33 -24.05
C ILE A 188 11.48 5.29 -23.79
N ALA A 189 12.14 4.18 -24.14
CA ALA A 189 13.60 4.16 -24.01
C ALA A 189 14.25 5.26 -24.86
N ALA A 190 13.76 5.42 -26.09
CA ALA A 190 14.31 6.42 -27.00
C ALA A 190 14.03 7.84 -26.51
N ILE A 191 12.82 8.05 -25.97
CA ILE A 191 12.48 9.34 -25.40
C ILE A 191 13.39 9.67 -24.21
N ARG A 192 13.54 8.72 -23.29
CA ARG A 192 14.30 8.98 -22.06
C ARG A 192 15.78 9.22 -22.33
N ALA A 193 16.31 8.65 -23.41
CA ALA A 193 17.73 8.76 -23.72
C ALA A 193 18.14 10.15 -24.21
N ASP A 194 17.17 10.91 -24.71
CA ASP A 194 17.43 12.23 -25.28
C ASP A 194 16.82 13.30 -24.37
N PRO A 195 17.67 14.09 -23.71
CA PRO A 195 17.21 15.07 -22.71
C PRO A 195 16.15 16.03 -23.26
N LYS A 196 16.26 16.39 -24.54
CA LYS A 196 15.27 17.31 -25.11
C LYS A 196 13.92 16.61 -25.27
N LEU A 197 13.93 15.40 -25.84
CA LEU A 197 12.70 14.61 -25.95
C LEU A 197 12.11 14.31 -24.58
N ALA A 198 12.97 14.01 -23.60
CA ALA A 198 12.50 13.63 -22.27
C ALA A 198 11.75 14.78 -21.62
N GLN A 199 12.28 15.99 -21.79
CA GLN A 199 11.65 17.20 -21.28
C GLN A 199 10.30 17.45 -21.94
N GLN A 200 10.25 17.29 -23.27
CA GLN A 200 9.00 17.50 -24.01
C GLN A 200 7.95 16.49 -23.60
N TRP A 201 8.40 15.26 -23.39
CA TRP A 201 7.51 14.17 -22.98
C TRP A 201 6.93 14.44 -21.59
N SER A 202 7.78 14.84 -20.65
CA SER A 202 7.33 15.19 -19.30
C SER A 202 6.26 16.27 -19.34
N LYS A 203 6.54 17.36 -20.05
CA LYS A 203 5.58 18.47 -20.15
C LYS A 203 4.29 18.04 -20.85
N GLY A 204 4.43 17.19 -21.86
CA GLY A 204 3.28 16.68 -22.59
C GLY A 204 2.35 15.87 -21.70
N LYS A 205 2.91 15.01 -20.86
CA LYS A 205 2.08 14.20 -19.97
C LYS A 205 1.38 15.08 -18.94
N ILE A 206 2.11 16.08 -18.43
CA ILE A 206 1.51 17.01 -17.47
C ILE A 206 0.29 17.68 -18.08
N ARG A 207 0.44 18.16 -19.31
CA ARG A 207 -0.67 18.84 -19.99
C ARG A 207 -1.79 17.87 -20.34
N TYR A 208 -1.44 16.63 -20.69
CA TYR A 208 -2.46 15.64 -21.02
C TYR A 208 -3.38 15.36 -19.83
N LEU A 209 -2.79 15.14 -18.66
CA LEU A 209 -3.59 14.91 -17.45
C LEU A 209 -4.44 16.12 -17.11
N ILE A 210 -3.86 17.32 -17.25
CA ILE A 210 -4.64 18.53 -16.97
C ILE A 210 -5.82 18.64 -17.94
N ASP A 211 -5.57 18.41 -19.22
CA ASP A 211 -6.63 18.49 -20.22
C ASP A 211 -7.71 17.47 -19.91
N PHE A 212 -7.32 16.29 -19.46
CA PHE A 212 -8.29 15.27 -19.09
C PHE A 212 -9.17 15.76 -17.95
N THR A 213 -8.56 16.39 -16.94
CA THR A 213 -9.37 16.91 -15.84
C THR A 213 -10.26 18.06 -16.31
N MET A 214 -9.84 18.80 -17.34
CA MET A 214 -10.71 19.86 -17.87
C MET A 214 -11.91 19.26 -18.60
N HIS A 215 -11.71 18.11 -19.23
CA HIS A 215 -12.80 17.35 -19.85
C HIS A 215 -13.82 16.93 -18.78
N LEU A 216 -13.31 16.38 -17.67
CA LEU A 216 -14.17 15.96 -16.55
C LEU A 216 -14.92 17.15 -15.96
N ARG A 217 -14.21 18.26 -15.79
CA ARG A 217 -14.87 19.49 -15.34
C ARG A 217 -16.04 19.87 -16.25
N HIS A 218 -15.82 19.79 -17.55
CA HIS A 218 -16.84 20.19 -18.52
C HIS A 218 -18.07 19.30 -18.40
N ILE A 219 -17.84 18.00 -18.21
CA ILE A 219 -18.94 17.06 -18.03
C ILE A 219 -19.78 17.40 -16.79
N VAL A 220 -19.12 17.65 -15.67
CA VAL A 220 -19.81 17.92 -14.42
C VAL A 220 -20.53 19.26 -14.47
N SER A 221 -19.87 20.28 -15.00
CA SER A 221 -20.45 21.63 -15.05
C SER A 221 -21.71 21.66 -15.91
N GLY A 222 -21.73 20.85 -16.95
CA GLY A 222 -22.90 20.75 -17.82
C GLY A 222 -24.09 20.19 -17.05
N TYR A 223 -23.81 19.24 -16.16
CA TYR A 223 -24.86 18.56 -15.41
C TYR A 223 -25.27 19.26 -14.13
N GLN A 224 -24.34 20.01 -13.55
CA GLN A 224 -24.66 20.82 -12.37
C GLN A 224 -25.36 22.08 -12.82
N ASN A 225 -25.47 22.25 -14.14
CA ASN A 225 -26.06 23.44 -14.74
C ASN A 225 -25.40 24.69 -14.16
N ASP A 226 -24.09 24.63 -14.08
CA ASP A 226 -23.31 25.60 -13.32
C ASP A 226 -21.98 25.90 -14.00
N ARG A 227 -21.93 27.01 -14.72
CA ARG A 227 -20.69 27.45 -15.36
C ARG A 227 -19.64 27.78 -14.28
N ASP A 228 -20.14 28.08 -13.08
CA ASP A 228 -19.27 28.40 -11.94
C ASP A 228 -18.89 27.15 -11.14
N MET A 229 -18.55 26.07 -11.84
CA MET A 229 -18.01 24.89 -11.19
C MET A 229 -16.52 25.10 -10.89
N VAL A 230 -16.21 25.34 -9.62
CA VAL A 230 -14.84 25.60 -9.19
C VAL A 230 -14.06 24.30 -9.18
N VAL A 231 -12.80 24.34 -9.61
CA VAL A 231 -11.97 23.13 -9.53
C VAL A 231 -10.64 23.34 -8.82
N ALA A 232 -10.26 22.35 -8.04
CA ALA A 232 -8.96 22.31 -7.39
C ALA A 232 -8.30 20.97 -7.71
N ARG A 233 -6.98 20.91 -7.59
CA ARG A 233 -6.31 19.61 -7.75
C ARG A 233 -5.18 19.49 -6.72
N ASN A 234 -5.04 18.31 -6.14
CA ASN A 234 -3.92 18.04 -5.23
C ASN A 234 -2.59 18.03 -5.96
N LEU A 235 -1.62 18.73 -5.39
CA LEU A 235 -0.27 18.81 -5.93
C LEU A 235 0.72 18.36 -4.86
N TYR A 236 1.60 17.45 -5.24
CA TYR A 236 2.67 17.01 -4.35
C TYR A 236 3.73 18.10 -4.16
N ALA A 237 4.41 18.09 -3.01
CA ALA A 237 5.40 19.12 -2.70
C ALA A 237 6.70 18.97 -3.49
N GLN A 238 7.10 17.74 -3.83
CA GLN A 238 8.41 17.58 -4.47
C GLN A 238 8.52 18.35 -5.81
N PRO A 239 7.49 18.28 -6.69
CA PRO A 239 7.58 19.09 -7.91
C PRO A 239 7.67 20.61 -7.69
N VAL A 240 7.27 21.08 -6.51
CA VAL A 240 7.40 22.49 -6.17
C VAL A 240 8.80 22.80 -5.63
N LEU A 241 9.27 21.98 -4.69
CA LEU A 241 10.57 22.20 -4.08
C LEU A 241 11.70 21.89 -5.05
N ASP A 242 11.47 20.89 -5.90
CA ASP A 242 12.48 20.44 -6.85
C ASP A 242 11.86 20.16 -8.21
N PRO A 243 11.72 21.20 -9.03
CA PRO A 243 10.93 21.08 -10.25
C PRO A 243 11.45 20.05 -11.26
N VAL A 244 12.70 19.60 -11.17
CA VAL A 244 13.15 18.54 -12.06
C VAL A 244 12.26 17.31 -11.87
N SER A 245 11.73 17.12 -10.67
CA SER A 245 10.92 15.96 -10.33
C SER A 245 9.56 15.94 -11.01
N GLU A 246 9.21 17.02 -11.71
CA GLU A 246 8.04 17.00 -12.60
C GLU A 246 8.07 15.79 -13.51
N ALA A 247 9.27 15.42 -13.95
CA ALA A 247 9.44 14.30 -14.86
C ALA A 247 8.96 12.95 -14.30
N TRP A 248 8.95 12.77 -12.97
CA TRP A 248 8.45 11.48 -12.47
C TRP A 248 7.24 11.63 -11.56
N TYR A 249 6.62 12.80 -11.59
CA TYR A 249 5.32 13.02 -10.95
C TYR A 249 4.19 13.26 -11.94
N GLY A 250 4.47 13.91 -13.07
CA GLY A 250 3.40 14.24 -14.00
C GLY A 250 2.53 15.37 -13.46
N GLN A 251 3.11 16.18 -12.59
CA GLN A 251 2.45 17.35 -12.01
C GLN A 251 3.42 18.53 -12.03
N SER A 252 2.89 19.76 -12.01
CA SER A 252 3.70 20.97 -12.17
C SER A 252 2.99 22.15 -11.53
N LEU A 253 3.70 22.96 -10.76
CA LEU A 253 3.04 24.10 -10.13
C LEU A 253 2.62 25.18 -11.15
N PRO A 254 3.52 25.58 -12.06
CA PRO A 254 3.09 26.62 -13.02
C PRO A 254 1.89 26.19 -13.87
N GLU A 255 1.90 24.95 -14.34
CA GLU A 255 0.83 24.45 -15.19
C GLU A 255 -0.47 24.32 -14.40
N PHE A 256 -0.36 23.90 -13.14
CA PHE A 256 -1.55 23.79 -12.29
C PHE A 256 -2.16 25.16 -12.05
N LEU A 257 -1.29 26.15 -11.80
CA LEU A 257 -1.76 27.49 -11.50
C LEU A 257 -2.51 28.08 -12.70
N LYS A 258 -2.12 27.66 -13.91
CA LYS A 258 -2.74 28.17 -15.12
C LYS A 258 -4.12 27.56 -15.38
N SER A 259 -4.37 26.39 -14.79
CA SER A 259 -5.53 25.60 -15.19
C SER A 259 -6.58 25.37 -14.11
N TYR A 260 -6.20 25.42 -12.84
CA TYR A 260 -7.16 25.18 -11.77
C TYR A 260 -7.48 26.46 -11.03
N ASP A 261 -8.67 26.54 -10.45
CA ASP A 261 -9.01 27.71 -9.67
C ASP A 261 -8.16 27.77 -8.40
N PHE A 262 -7.93 26.60 -7.82
CA PHE A 262 -7.08 26.47 -6.65
C PHE A 262 -6.16 25.27 -6.79
N VAL A 263 -4.95 25.43 -6.27
CA VAL A 263 -3.99 24.34 -6.21
C VAL A 263 -3.94 23.86 -4.76
N ALA A 264 -4.34 22.61 -4.54
CA ALA A 264 -4.35 22.04 -3.19
C ALA A 264 -2.99 21.40 -2.91
N LEU A 265 -2.06 22.22 -2.44
CA LEU A 265 -0.68 21.79 -2.28
C LEU A 265 -0.52 21.01 -0.99
N MET A 266 0.02 19.80 -1.08
CA MET A 266 0.10 18.96 0.11
C MET A 266 1.33 19.34 0.94
N ALA A 267 1.10 20.33 1.81
CA ALA A 267 2.16 20.95 2.62
C ALA A 267 2.34 20.16 3.90
N MET A 268 2.93 18.98 3.75
CA MET A 268 2.91 17.97 4.80
C MET A 268 4.31 17.42 5.06
N PRO A 269 5.11 18.18 5.82
CA PRO A 269 6.52 17.80 6.07
C PRO A 269 6.66 16.48 6.83
N ASN A 270 5.69 16.14 7.68
CA ASN A 270 5.72 14.85 8.38
C ASN A 270 5.62 13.68 7.39
N MET A 271 4.63 13.74 6.50
CA MET A 271 4.48 12.73 5.45
C MET A 271 5.71 12.67 4.54
N GLU A 272 6.29 13.84 4.28
CA GLU A 272 7.43 13.96 3.38
C GLU A 272 8.74 13.51 4.03
N GLY A 273 8.74 13.39 5.35
CA GLY A 273 9.93 12.96 6.07
C GLY A 273 10.96 14.07 6.23
N ALA A 274 10.47 15.30 6.31
CA ALA A 274 11.33 16.47 6.43
C ALA A 274 12.08 16.49 7.75
N ALA A 275 13.40 16.69 7.67
CA ALA A 275 14.25 16.77 8.85
C ALA A 275 14.03 18.07 9.63
N ARG A 276 13.77 19.15 8.91
CA ARG A 276 13.56 20.46 9.52
C ARG A 276 12.23 21.05 9.02
N PRO A 277 11.12 20.65 9.67
CA PRO A 277 9.78 20.99 9.19
C PRO A 277 9.50 22.49 9.06
N GLU A 278 10.08 23.33 9.91
CA GLU A 278 9.81 24.76 9.82
C GLU A 278 10.53 25.36 8.62
N GLN A 279 11.79 25.00 8.44
CA GLN A 279 12.54 25.42 7.26
C GLN A 279 11.86 24.91 6.00
N TRP A 280 11.42 23.66 6.05
CA TRP A 280 10.76 23.02 4.92
C TRP A 280 9.55 23.83 4.46
N MET A 281 8.71 24.22 5.40
CA MET A 281 7.53 25.00 5.08
C MET A 281 7.91 26.38 4.55
N ARG A 282 8.93 26.97 5.14
CA ARG A 282 9.45 28.25 4.66
C ARG A 282 9.89 28.16 3.19
N GLN A 283 10.64 27.10 2.87
CA GLN A 283 11.08 26.90 1.50
C GLN A 283 9.93 26.62 0.54
N LEU A 284 8.93 25.88 1.00
CA LEU A 284 7.77 25.58 0.16
C LEU A 284 7.02 26.86 -0.20
N VAL A 285 6.77 27.70 0.80
CA VAL A 285 6.09 28.97 0.58
C VAL A 285 6.88 29.87 -0.37
N ALA A 286 8.20 29.94 -0.17
CA ALA A 286 9.07 30.75 -1.02
C ALA A 286 8.97 30.29 -2.47
N ALA A 287 8.93 28.97 -2.66
CA ALA A 287 8.84 28.40 -4.01
C ALA A 287 7.53 28.81 -4.68
N VAL A 288 6.43 28.73 -3.93
CA VAL A 288 5.13 29.11 -4.44
C VAL A 288 5.10 30.61 -4.77
N ALA A 289 5.65 31.42 -3.86
CA ALA A 289 5.72 32.87 -4.08
C ALA A 289 6.50 33.20 -5.36
N ARG A 290 7.57 32.45 -5.59
CA ARG A 290 8.44 32.66 -6.73
C ARG A 290 7.66 32.47 -8.04
N GLN A 291 6.65 31.61 -8.00
CA GLN A 291 5.77 31.39 -9.14
C GLN A 291 4.53 32.28 -9.09
N LYS A 292 4.54 33.24 -8.16
CA LYS A 292 3.41 34.15 -7.94
C LYS A 292 2.11 33.38 -7.69
N GLY A 293 2.19 32.32 -6.89
CA GLY A 293 1.04 31.47 -6.70
C GLY A 293 0.32 31.54 -5.36
N LEU A 294 0.70 32.48 -4.50
CA LEU A 294 0.11 32.49 -3.15
C LEU A 294 -1.39 32.77 -3.17
N ASP A 295 -1.85 33.52 -4.16
CA ASP A 295 -3.26 33.89 -4.21
CA ASP A 295 -3.26 33.89 -4.28
C ASP A 295 -4.18 32.69 -4.49
N ARG A 296 -3.68 31.68 -5.19
CA ARG A 296 -4.55 30.54 -5.48
C ARG A 296 -4.00 29.21 -5.04
N THR A 297 -2.90 29.22 -4.30
CA THR A 297 -2.40 27.98 -3.72
C THR A 297 -2.91 27.82 -2.30
N ILE A 298 -3.57 26.70 -2.04
CA ILE A 298 -4.03 26.34 -0.71
C ILE A 298 -3.00 25.41 -0.10
N PHE A 299 -2.40 25.82 1.01
CA PHE A 299 -1.44 24.98 1.68
C PHE A 299 -2.20 24.02 2.57
N GLU A 300 -2.34 22.78 2.09
CA GLU A 300 -3.11 21.78 2.81
C GLU A 300 -2.21 21.02 3.79
N LEU A 301 -2.45 21.24 5.07
CA LEU A 301 -1.62 20.70 6.14
C LEU A 301 -2.14 19.36 6.60
N GLN A 302 -1.31 18.58 7.28
CA GLN A 302 -1.80 17.30 7.80
C GLN A 302 -2.14 17.42 9.28
N ALA A 303 -3.29 16.88 9.65
CA ALA A 303 -3.73 16.87 11.04
C ALA A 303 -3.49 15.50 11.69
N ARG A 304 -3.08 14.53 10.89
CA ARG A 304 -2.84 13.19 11.39
C ARG A 304 -1.51 12.67 10.86
N ASP A 305 -0.82 11.91 11.70
CA ASP A 305 0.39 11.23 11.30
C ASP A 305 -0.03 9.82 10.91
N TRP A 306 -0.32 9.62 9.61
CA TRP A 306 -0.89 8.35 9.15
C TRP A 306 0.08 7.19 9.27
N ARG A 307 1.38 7.48 9.25
CA ARG A 307 2.37 6.41 9.28
C ARG A 307 2.41 5.74 10.66
N VAL A 308 2.30 6.53 11.73
CA VAL A 308 2.32 5.98 13.08
C VAL A 308 0.90 5.81 13.63
N GLY A 309 -0.08 6.39 12.95
CA GLY A 309 -1.46 6.22 13.32
C GLY A 309 -1.85 7.03 14.55
N LYS A 310 -1.48 8.30 14.53
CA LYS A 310 -1.75 9.19 15.66
C LYS A 310 -2.13 10.58 15.18
N PRO A 311 -3.02 11.25 15.92
CA PRO A 311 -3.29 12.65 15.60
C PRO A 311 -2.05 13.49 15.85
N ILE A 312 -1.91 14.57 15.09
CA ILE A 312 -0.85 15.54 15.33
C ILE A 312 -1.39 16.55 16.31
N ASP A 313 -0.58 16.89 17.33
CA ASP A 313 -0.98 17.88 18.33
C ASP A 313 -1.53 19.14 17.67
N THR A 314 -2.73 19.54 18.09
CA THR A 314 -3.40 20.68 17.45
C THR A 314 -2.52 21.93 17.51
N GLU A 315 -1.72 22.04 18.57
CA GLU A 315 -0.83 23.20 18.70
C GLU A 315 0.26 23.19 17.61
N ILE A 316 0.65 22.01 17.16
CA ILE A 316 1.63 21.93 16.08
C ILE A 316 0.99 22.39 14.76
N LEU A 317 -0.26 21.98 14.55
CA LEU A 317 -1.01 22.36 13.37
C LEU A 317 -1.26 23.87 13.36
N ARG A 318 -1.64 24.42 14.51
CA ARG A 318 -1.88 25.85 14.59
C ARG A 318 -0.59 26.63 14.33
N ARG A 319 0.53 26.13 14.85
CA ARG A 319 1.80 26.83 14.63
C ARG A 319 2.14 26.87 13.15
N GLN A 320 1.79 25.81 12.42
CA GLN A 320 2.02 25.80 10.98
C GLN A 320 1.14 26.86 10.30
N MET A 321 -0.11 26.97 10.74
CA MET A 321 -1.00 27.98 10.18
C MET A 321 -0.52 29.39 10.49
N VAL A 322 -0.04 29.63 11.71
CA VAL A 322 0.47 30.95 12.06
C VAL A 322 1.72 31.24 11.22
N GLN A 323 2.54 30.22 10.99
CA GLN A 323 3.75 30.42 10.19
C GLN A 323 3.38 30.83 8.77
N LEU A 324 2.42 30.12 8.19
CA LEU A 324 1.90 30.45 6.85
C LEU A 324 1.40 31.89 6.81
N ARG A 325 0.57 32.27 7.78
CA ARG A 325 0.08 33.65 7.84
C ARG A 325 1.22 34.67 7.87
N SER A 326 2.27 34.39 8.66
CA SER A 326 3.38 35.31 8.79
C SER A 326 4.18 35.45 7.50
N LEU A 327 4.05 34.47 6.61
CA LEU A 327 4.76 34.48 5.34
C LEU A 327 3.88 34.93 4.18
N GLY A 328 2.64 35.30 4.47
CA GLY A 328 1.74 35.79 3.45
C GLY A 328 1.02 34.70 2.68
N ALA A 329 1.06 33.48 3.19
CA ALA A 329 0.31 32.37 2.61
C ALA A 329 -1.02 32.26 3.31
N ILE A 330 -2.03 32.97 2.82
CA ILE A 330 -3.27 33.12 3.56
C ILE A 330 -4.34 32.07 3.25
N ASN A 331 -4.11 31.24 2.23
CA ASN A 331 -5.03 30.14 1.94
C ASN A 331 -4.45 28.82 2.44
N TYR A 332 -5.19 28.11 3.28
CA TYR A 332 -4.69 26.88 3.86
C TYR A 332 -5.83 26.06 4.42
N GLY A 333 -5.52 24.89 4.95
CA GLY A 333 -6.53 24.01 5.48
C GLY A 333 -5.88 22.77 6.02
N TYR A 334 -6.68 21.76 6.36
CA TYR A 334 -6.08 20.54 6.89
C TYR A 334 -6.87 19.31 6.48
N TYR A 335 -6.15 18.18 6.53
CA TYR A 335 -6.70 16.85 6.26
C TYR A 335 -6.03 15.91 7.27
N PRO A 336 -6.82 15.03 7.93
CA PRO A 336 -8.25 14.79 7.91
C PRO A 336 -8.94 15.40 9.13
N ASP A 337 -10.26 15.50 9.08
CA ASP A 337 -10.99 15.87 10.28
C ASP A 337 -11.41 14.60 11.01
N ASP A 338 -10.88 14.41 12.21
CA ASP A 338 -11.25 13.26 13.03
C ASP A 338 -12.36 13.71 13.96
N PHE A 339 -13.56 13.82 13.42
CA PHE A 339 -14.68 14.44 14.15
C PHE A 339 -15.14 13.61 15.35
N ILE A 340 -14.93 12.30 15.31
CA ILE A 340 -15.34 11.47 16.43
C ILE A 340 -14.41 11.66 17.64
N ALA A 341 -13.12 11.87 17.38
CA ALA A 341 -12.17 12.06 18.48
C ALA A 341 -11.92 13.53 18.79
N ASN A 342 -12.70 14.39 18.14
CA ASN A 342 -12.56 15.84 18.29
C ASN A 342 -11.15 16.31 17.99
N HIS A 343 -10.60 15.81 16.89
CA HIS A 343 -9.28 16.23 16.48
C HIS A 343 -9.24 16.63 15.00
N PRO A 344 -8.66 17.80 14.69
CA PRO A 344 -8.00 18.70 15.65
C PRO A 344 -8.99 19.40 16.58
N ASP A 345 -8.47 20.00 17.64
CA ASP A 345 -9.28 20.71 18.62
C ASP A 345 -9.89 21.96 17.97
N ALA A 346 -11.21 21.93 17.79
CA ALA A 346 -11.94 23.02 17.14
C ALA A 346 -11.78 24.34 17.88
N GLU A 347 -11.87 24.30 19.20
CA GLU A 347 -11.71 25.48 20.02
C GLU A 347 -10.36 26.16 19.77
N ALA A 348 -9.31 25.35 19.63
CA ALA A 348 -7.97 25.88 19.49
C ALA A 348 -7.72 26.44 18.09
N LEU A 349 -8.35 25.85 17.09
CA LEU A 349 -8.12 26.23 15.69
C LEU A 349 -9.09 27.26 15.15
N ARG A 350 -10.18 27.51 15.87
CA ARG A 350 -11.22 28.41 15.38
C ARG A 350 -10.66 29.75 14.90
N ASP A 351 -9.76 30.36 15.68
CA ASP A 351 -9.34 31.72 15.35
C ASP A 351 -8.51 31.78 14.07
N VAL A 352 -7.76 30.72 13.77
CA VAL A 352 -6.97 30.74 12.54
C VAL A 352 -7.70 30.12 11.34
N MET A 353 -8.80 29.41 11.57
CA MET A 353 -9.53 28.84 10.45
C MET A 353 -10.69 29.74 10.06
N SER A 354 -10.93 30.76 10.89
CA SER A 354 -11.96 31.76 10.62
C SER A 354 -11.66 32.56 9.35
N LEU A 355 -12.70 32.87 8.60
CA LEU A 355 -12.55 33.60 7.34
C LEU A 355 -12.35 35.10 7.55
N LYS A 356 -12.29 35.52 8.81
CA LYS A 356 -11.92 36.89 9.15
C LYS A 356 -10.44 36.93 9.54
N SER A 357 -9.57 36.58 8.59
CA SER A 357 -8.16 36.39 8.89
C SER A 357 -7.25 36.78 7.73
N PRO B 5 24.82 -29.49 6.27
CA PRO B 5 23.45 -29.01 6.05
C PRO B 5 23.41 -27.53 5.64
N ILE B 6 23.02 -27.28 4.40
CA ILE B 6 23.06 -25.94 3.83
C ILE B 6 21.79 -25.65 3.04
N GLU B 7 21.18 -24.50 3.28
CA GLU B 7 20.04 -24.08 2.47
C GLU B 7 20.44 -22.93 1.58
N ARG B 8 20.08 -23.03 0.31
CA ARG B 8 20.27 -21.96 -0.66
C ARG B 8 18.94 -21.82 -1.36
N ILE B 9 18.20 -20.76 -1.08
CA ILE B 9 16.81 -20.75 -1.54
C ILE B 9 16.51 -19.64 -2.53
N VAL B 10 15.52 -19.87 -3.38
CA VAL B 10 15.02 -18.86 -4.29
C VAL B 10 13.53 -18.72 -4.05
N GLN B 11 13.06 -17.50 -3.83
CA GLN B 11 11.62 -17.28 -3.63
C GLN B 11 11.03 -16.74 -4.93
N VAL B 12 9.92 -17.33 -5.35
CA VAL B 12 9.37 -17.11 -6.69
C VAL B 12 7.91 -16.66 -6.64
N ASP B 13 7.61 -15.60 -7.40
CA ASP B 13 6.24 -15.09 -7.55
C ASP B 13 5.49 -15.81 -8.66
N LEU B 14 4.39 -16.45 -8.32
CA LEU B 14 3.48 -16.92 -9.37
C LEU B 14 2.87 -15.74 -10.10
N ASP B 15 2.81 -14.57 -9.45
CA ASP B 15 2.37 -13.35 -10.12
C ASP B 15 3.25 -13.03 -11.33
N TYR B 16 4.49 -13.51 -11.34
CA TYR B 16 5.40 -13.33 -12.48
C TYR B 16 5.16 -14.37 -13.58
N ILE B 17 4.64 -15.54 -13.21
CA ILE B 17 4.40 -16.64 -14.15
C ILE B 17 3.07 -16.43 -14.86
N TYR B 18 2.07 -16.02 -14.09
CA TYR B 18 0.70 -15.86 -14.57
C TYR B 18 0.59 -15.08 -15.87
N ASP B 19 -0.21 -15.59 -16.80
CA ASP B 19 -0.57 -14.86 -18.01
C ASP B 19 -1.85 -15.45 -18.58
N PRO B 20 -2.79 -14.59 -18.98
CA PRO B 20 -4.07 -14.99 -19.56
C PRO B 20 -3.91 -15.78 -20.85
N ASP B 21 -2.81 -15.54 -21.55
CA ASP B 21 -2.43 -16.30 -22.75
C ASP B 21 -1.77 -17.60 -22.30
N PRO B 22 -2.46 -18.74 -22.48
CA PRO B 22 -1.91 -20.01 -21.99
C PRO B 22 -0.54 -20.36 -22.60
N GLU B 23 -0.32 -20.04 -23.86
CA GLU B 23 0.99 -20.30 -24.48
C GLU B 23 2.07 -19.46 -23.79
N GLN B 24 1.77 -18.20 -23.49
CA GLN B 24 2.75 -17.35 -22.82
C GLN B 24 3.02 -17.82 -21.39
N GLN B 25 1.97 -18.20 -20.68
CA GLN B 25 2.15 -18.68 -19.32
C GLN B 25 3.04 -19.93 -19.31
N ASN B 26 2.85 -20.83 -20.27
CA ASN B 26 3.68 -22.02 -20.30
C ASN B 26 5.12 -21.68 -20.68
N ARG B 27 5.31 -20.69 -21.55
CA ARG B 27 6.66 -20.20 -21.86
C ARG B 27 7.35 -19.63 -20.63
N ASN B 28 6.62 -18.83 -19.85
CA ASN B 28 7.13 -18.30 -18.60
C ASN B 28 7.60 -19.41 -17.66
N LEU B 29 6.73 -20.39 -17.43
CA LEU B 29 7.07 -21.52 -16.58
C LEU B 29 8.31 -22.26 -17.09
N GLY B 30 8.39 -22.48 -18.39
CA GLY B 30 9.54 -23.15 -18.98
C GLY B 30 10.84 -22.43 -18.66
N GLN B 31 10.80 -21.09 -18.69
CA GLN B 31 12.01 -20.30 -18.42
C GLN B 31 12.41 -20.41 -16.96
N LEU B 32 11.41 -20.46 -16.08
CA LEU B 32 11.67 -20.65 -14.65
C LEU B 32 12.32 -22.01 -14.40
N ILE B 33 11.72 -23.06 -14.96
CA ILE B 33 12.25 -24.42 -14.80
C ILE B 33 13.71 -24.51 -15.23
N ASP B 34 14.02 -23.97 -16.41
CA ASP B 34 15.38 -24.03 -16.94
C ASP B 34 16.37 -23.30 -16.02
N ARG B 35 15.94 -22.18 -15.44
CA ARG B 35 16.79 -21.42 -14.53
C ARG B 35 17.05 -22.19 -13.25
N MET B 36 16.01 -22.75 -12.66
CA MET B 36 16.16 -23.44 -11.39
C MET B 36 16.91 -24.76 -11.56
N LYS B 37 16.73 -25.42 -12.70
CA LYS B 37 17.51 -26.63 -12.97
C LYS B 37 18.98 -26.26 -13.05
N ASP B 38 19.26 -25.16 -13.73
CA ASP B 38 20.62 -24.67 -13.92
C ASP B 38 21.25 -24.22 -12.62
N LEU B 39 20.51 -23.44 -11.83
CA LEU B 39 21.02 -22.88 -10.58
C LEU B 39 21.09 -23.92 -9.46
N ALA B 40 20.16 -24.88 -9.49
CA ALA B 40 20.09 -25.95 -8.50
C ALA B 40 20.17 -25.46 -7.04
N PRO B 41 19.25 -24.59 -6.63
CA PRO B 41 19.16 -24.24 -5.21
C PRO B 41 18.59 -25.43 -4.42
N SER B 42 18.62 -25.35 -3.10
CA SER B 42 18.08 -26.44 -2.29
C SER B 42 16.56 -26.44 -2.36
N ALA B 43 15.98 -25.25 -2.37
CA ALA B 43 14.53 -25.13 -2.34
C ALA B 43 14.04 -23.89 -3.07
N VAL B 44 12.83 -23.98 -3.59
CA VAL B 44 12.12 -22.82 -4.11
C VAL B 44 10.96 -22.55 -3.17
N TYR B 45 10.86 -21.31 -2.70
CA TYR B 45 9.73 -20.87 -1.90
C TYR B 45 8.71 -20.31 -2.88
N LEU B 46 7.62 -21.05 -3.09
CA LEU B 46 6.72 -20.82 -4.22
C LEU B 46 5.40 -20.17 -3.81
N GLN B 47 5.16 -18.96 -4.33
CA GLN B 47 3.93 -18.20 -4.00
C GLN B 47 2.66 -18.98 -4.32
N ALA B 48 1.77 -19.15 -3.35
CA ALA B 48 0.54 -19.89 -3.57
C ALA B 48 -0.68 -18.97 -3.67
N PHE B 49 -0.46 -17.69 -3.38
CA PHE B 49 -1.51 -16.68 -3.36
C PHE B 49 -1.21 -15.61 -4.41
N ALA B 50 -2.22 -14.82 -4.78
CA ALA B 50 -2.00 -13.74 -5.76
C ALA B 50 -1.94 -12.36 -5.08
N ASP B 51 -0.94 -11.58 -5.45
CA ASP B 51 -0.81 -10.21 -4.95
C ASP B 51 -0.31 -9.28 -6.06
N PRO B 52 -0.97 -9.28 -7.24
CA PRO B 52 -0.44 -8.51 -8.37
C PRO B 52 -0.39 -7.01 -8.14
N LYS B 53 -1.26 -6.48 -7.27
CA LYS B 53 -1.25 -5.05 -7.00
C LYS B 53 -0.20 -4.65 -5.97
N GLY B 54 0.31 -5.65 -5.25
CA GLY B 54 1.41 -5.41 -4.33
C GLY B 54 0.98 -4.68 -3.07
N ASP B 55 -0.30 -4.74 -2.74
CA ASP B 55 -0.81 -4.07 -1.55
C ASP B 55 -1.09 -5.04 -0.40
N GLY B 56 -0.97 -6.34 -0.66
CA GLY B 56 -1.23 -7.35 0.35
C GLY B 56 -2.68 -7.65 0.63
N ASP B 57 -3.56 -7.12 -0.21
CA ASP B 57 -4.99 -7.42 -0.15
C ASP B 57 -5.26 -8.65 -0.98
N ILE B 58 -5.27 -9.81 -0.32
CA ILE B 58 -5.29 -11.09 -1.02
C ILE B 58 -6.74 -11.56 -1.22
N THR B 59 -7.28 -11.29 -2.40
CA THR B 59 -8.64 -11.74 -2.72
C THR B 59 -8.67 -13.05 -3.50
N GLU B 60 -7.55 -13.43 -4.12
CA GLU B 60 -7.49 -14.64 -4.94
C GLU B 60 -6.24 -15.44 -4.67
N VAL B 61 -6.30 -16.75 -4.92
CA VAL B 61 -5.12 -17.61 -4.77
C VAL B 61 -4.92 -18.46 -6.02
N TYR B 62 -3.89 -19.30 -5.97
CA TYR B 62 -3.52 -20.06 -7.17
C TYR B 62 -3.79 -21.56 -7.02
N PHE B 63 -4.78 -21.91 -6.20
CA PHE B 63 -5.18 -23.31 -6.03
C PHE B 63 -6.67 -23.35 -5.70
N PRO B 64 -7.35 -24.44 -6.06
CA PRO B 64 -8.78 -24.57 -5.74
C PRO B 64 -9.00 -24.65 -4.22
N ASN B 65 -10.03 -23.96 -3.74
CA ASN B 65 -10.32 -23.95 -2.31
C ASN B 65 -11.75 -23.49 -2.06
N ARG B 66 -12.21 -23.67 -0.83
CA ARG B 66 -13.61 -23.39 -0.46
C ARG B 66 -13.98 -21.92 -0.34
N HIS B 67 -12.98 -21.06 -0.12
CA HIS B 67 -13.26 -19.71 0.39
C HIS B 67 -12.90 -18.55 -0.53
N LEU B 68 -11.80 -18.65 -1.26
CA LEU B 68 -11.34 -17.57 -2.12
C LEU B 68 -11.37 -17.98 -3.59
N PRO B 69 -11.75 -17.04 -4.48
CA PRO B 69 -11.64 -17.37 -5.90
C PRO B 69 -10.21 -17.70 -6.29
N MET B 70 -10.07 -18.45 -7.38
CA MET B 70 -8.78 -18.86 -7.90
C MET B 70 -8.46 -17.98 -9.11
N ARG B 71 -7.36 -17.23 -9.05
CA ARG B 71 -6.92 -16.44 -10.21
C ARG B 71 -6.53 -17.34 -11.38
N ALA B 72 -5.84 -18.42 -11.04
CA ALA B 72 -5.42 -19.42 -12.01
C ALA B 72 -5.09 -20.68 -11.24
N ASP B 73 -5.38 -21.83 -11.84
CA ASP B 73 -5.03 -23.10 -11.22
C ASP B 73 -3.60 -23.40 -11.59
N LEU B 74 -2.67 -22.84 -10.81
CA LEU B 74 -1.30 -22.74 -11.28
C LEU B 74 -0.28 -23.31 -10.31
N PHE B 75 -0.56 -23.20 -9.00
CA PHE B 75 0.42 -23.65 -8.00
C PHE B 75 0.83 -25.10 -8.20
N ASN B 76 -0.15 -25.99 -8.36
CA ASN B 76 0.13 -27.41 -8.52
C ASN B 76 1.07 -27.70 -9.67
N ARG B 77 0.72 -27.17 -10.85
CA ARG B 77 1.52 -27.39 -12.05
C ARG B 77 2.95 -26.90 -11.87
N VAL B 78 3.12 -25.71 -11.27
CA VAL B 78 4.46 -25.17 -11.11
C VAL B 78 5.24 -26.01 -10.09
N ALA B 79 4.57 -26.38 -9.00
CA ALA B 79 5.24 -27.17 -7.96
C ALA B 79 5.79 -28.49 -8.48
N TRP B 80 4.96 -29.28 -9.16
CA TRP B 80 5.46 -30.61 -9.52
C TRP B 80 6.44 -30.53 -10.68
N GLN B 81 6.32 -29.51 -11.52
CA GLN B 81 7.34 -29.33 -12.55
C GLN B 81 8.67 -28.95 -11.94
N LEU B 82 8.66 -28.06 -10.95
CA LEU B 82 9.91 -27.69 -10.26
C LEU B 82 10.53 -28.91 -9.60
N LYS B 83 9.72 -29.70 -8.90
CA LYS B 83 10.25 -30.87 -8.20
C LYS B 83 10.83 -31.90 -9.16
N THR B 84 10.09 -32.24 -10.22
CA THR B 84 10.50 -33.32 -11.11
C THR B 84 11.52 -32.96 -12.17
N ARG B 85 11.53 -31.69 -12.61
CA ARG B 85 12.42 -31.29 -13.69
CA ARG B 85 12.41 -31.27 -13.70
C ARG B 85 13.62 -30.47 -13.22
N ALA B 86 13.43 -29.69 -12.16
CA ALA B 86 14.55 -28.92 -11.62
C ALA B 86 15.22 -29.61 -10.43
N GLY B 87 14.54 -30.59 -9.83
CA GLY B 87 15.11 -31.35 -8.73
C GLY B 87 15.23 -30.57 -7.43
N VAL B 88 14.39 -29.57 -7.25
CA VAL B 88 14.43 -28.77 -6.03
C VAL B 88 13.31 -29.13 -5.09
N MET B 89 13.58 -29.04 -3.81
CA MET B 89 12.42 -29.02 -2.89
CA MET B 89 12.37 -28.92 -2.86
C MET B 89 11.45 -27.65 -3.06
N VAL B 90 10.17 -27.89 -2.84
CA VAL B 90 9.23 -26.79 -3.02
C VAL B 90 8.49 -26.50 -1.72
N TYR B 91 8.51 -25.25 -1.29
CA TYR B 91 7.72 -24.82 -0.14
C TYR B 91 6.53 -24.02 -0.61
N ALA B 92 5.35 -24.31 -0.08
CA ALA B 92 4.20 -23.46 -0.35
C ALA B 92 4.28 -22.20 0.49
N TRP B 93 4.29 -21.04 -0.16
CA TRP B 93 4.38 -19.74 0.52
C TRP B 93 2.98 -19.14 0.56
N LEU B 94 2.43 -18.96 1.77
CA LEU B 94 1.03 -18.57 1.94
C LEU B 94 0.93 -17.56 3.09
N PRO B 95 -0.04 -16.62 3.01
CA PRO B 95 -0.25 -15.74 4.17
C PRO B 95 -0.69 -16.52 5.39
N VAL B 96 -0.42 -15.97 6.57
CA VAL B 96 -0.93 -16.53 7.81
C VAL B 96 -2.32 -15.95 8.11
N LEU B 97 -2.49 -14.66 7.84
CA LEU B 97 -3.72 -13.96 8.24
C LEU B 97 -4.46 -13.24 7.11
N THR B 98 -3.73 -12.73 6.12
CA THR B 98 -4.40 -11.89 5.12
C THR B 98 -5.10 -12.70 4.04
N PHE B 99 -6.38 -12.97 4.26
CA PHE B 99 -7.25 -13.51 3.23
C PHE B 99 -8.49 -12.65 3.18
N SER B 100 -8.72 -12.00 2.05
CA SER B 100 -9.85 -11.10 1.90
C SER B 100 -11.04 -11.87 1.34
N VAL B 101 -11.72 -12.58 2.23
CA VAL B 101 -12.85 -13.42 1.87
C VAL B 101 -14.01 -12.57 1.36
N PRO B 102 -14.88 -13.14 0.52
CA PRO B 102 -16.01 -12.33 0.03
C PRO B 102 -17.05 -12.09 1.10
N PRO B 103 -17.90 -11.07 0.91
CA PRO B 103 -19.01 -10.85 1.84
C PRO B 103 -19.87 -12.11 1.92
N GLY B 104 -20.38 -12.42 3.11
CA GLY B 104 -21.17 -13.64 3.24
C GLY B 104 -20.34 -14.80 3.76
N ASN B 105 -19.01 -14.71 3.62
CA ASN B 105 -18.11 -15.65 4.27
C ASN B 105 -18.16 -15.41 5.78
N PRO B 106 -18.15 -16.49 6.58
CA PRO B 106 -18.24 -16.35 8.04
C PRO B 106 -17.18 -15.42 8.63
N ALA B 107 -16.00 -15.40 8.02
CA ALA B 107 -14.89 -14.61 8.52
C ALA B 107 -14.88 -13.18 7.99
N TYR B 108 -15.87 -12.81 7.17
CA TYR B 108 -15.83 -11.50 6.53
C TYR B 108 -15.82 -10.40 7.58
N GLY B 109 -14.79 -9.55 7.52
CA GLY B 109 -14.72 -8.40 8.41
C GLY B 109 -14.19 -8.70 9.79
N LYS B 110 -13.90 -9.97 10.06
CA LYS B 110 -13.37 -10.35 11.37
C LYS B 110 -11.86 -10.16 11.37
N VAL B 111 -11.43 -8.91 11.28
CA VAL B 111 -10.03 -8.57 11.08
C VAL B 111 -9.39 -8.09 12.36
N VAL B 112 -8.06 -8.08 12.38
CA VAL B 112 -7.31 -7.51 13.50
C VAL B 112 -7.68 -6.05 13.70
N GLN B 113 -8.05 -5.69 14.93
CA GLN B 113 -8.37 -4.30 15.24
C GLN B 113 -7.23 -3.64 16.02
N SER B 114 -7.19 -2.31 15.92
CA SER B 114 -6.19 -1.50 16.62
C SER B 114 -6.88 -0.46 17.50
N THR B 115 -6.27 -0.16 18.65
CA THR B 115 -6.83 0.88 19.50
C THR B 115 -6.69 2.29 18.91
N THR B 116 -5.81 2.47 17.94
CA THR B 116 -5.52 3.82 17.46
C THR B 116 -5.75 4.04 15.95
N ARG B 117 -5.63 2.96 15.18
CA ARG B 117 -5.71 3.05 13.72
C ARG B 117 -7.11 3.45 13.24
N LYS B 118 -7.15 4.25 12.17
CA LYS B 118 -8.39 4.72 11.57
C LYS B 118 -8.63 4.01 10.24
N PRO B 119 -9.86 4.05 9.72
CA PRO B 119 -10.01 3.60 8.33
C PRO B 119 -9.19 4.49 7.39
N GLY B 120 -8.79 3.96 6.23
CA GLY B 120 -8.16 4.77 5.22
C GLY B 120 -6.67 4.94 5.38
N GLU B 121 -6.06 4.05 6.18
CA GLU B 121 -4.63 4.10 6.47
C GLU B 121 -4.14 2.73 6.92
N ARG B 122 -2.82 2.56 6.97
CA ARG B 122 -2.29 1.31 7.51
C ARG B 122 -0.93 1.54 8.15
N GLY B 123 -0.59 0.64 9.07
CA GLY B 123 0.76 0.55 9.60
C GLY B 123 1.50 -0.53 8.82
N LEU B 124 2.40 -1.23 9.50
CA LEU B 124 3.16 -2.28 8.81
C LEU B 124 2.25 -3.41 8.36
N GLY B 125 1.37 -3.84 9.26
CA GLY B 125 0.42 -4.92 8.96
C GLY B 125 -0.68 -4.44 8.03
N SER B 126 -1.18 -5.35 7.19
CA SER B 126 -2.30 -5.05 6.31
C SER B 126 -3.59 -4.94 7.13
N PRO B 127 -4.45 -3.97 6.79
CA PRO B 127 -5.76 -3.88 7.43
C PRO B 127 -6.61 -5.13 7.18
N THR B 128 -6.21 -5.94 6.20
CA THR B 128 -6.98 -7.15 5.86
C THR B 128 -6.60 -8.39 6.65
N ARG B 129 -5.61 -8.29 7.54
CA ARG B 129 -5.30 -9.44 8.40
C ARG B 129 -6.54 -9.91 9.14
N LEU B 130 -6.93 -11.17 8.94
CA LEU B 130 -7.98 -11.75 9.76
C LEU B 130 -7.50 -11.92 11.20
N SER B 131 -8.40 -11.77 12.15
CA SER B 131 -8.02 -11.97 13.55
C SER B 131 -7.94 -13.44 13.90
N PRO B 132 -6.74 -13.92 14.29
CA PRO B 132 -6.63 -15.35 14.62
C PRO B 132 -7.23 -15.66 16.00
N PHE B 133 -7.74 -14.62 16.65
CA PHE B 133 -8.44 -14.78 17.92
C PHE B 133 -9.93 -15.06 17.71
N HIS B 134 -10.40 -14.79 16.49
CA HIS B 134 -11.82 -15.00 16.18
C HIS B 134 -12.02 -16.43 15.69
N PRO B 135 -12.97 -17.16 16.30
CA PRO B 135 -13.18 -18.56 15.95
C PRO B 135 -13.51 -18.79 14.48
N ASP B 136 -14.29 -17.92 13.85
CA ASP B 136 -14.64 -18.13 12.45
C ASP B 136 -13.45 -17.85 11.54
N ALA B 137 -12.66 -16.82 11.85
CA ALA B 137 -11.47 -16.53 11.07
C ALA B 137 -10.45 -17.67 11.20
N HIS B 138 -10.28 -18.15 12.44
CA HIS B 138 -9.38 -19.25 12.74
C HIS B 138 -9.72 -20.47 11.88
N ARG B 139 -11.01 -20.83 11.85
CA ARG B 139 -11.45 -21.98 11.08
C ARG B 139 -11.32 -21.76 9.57
N VAL B 140 -11.69 -20.56 9.10
CA VAL B 140 -11.60 -20.28 7.66
C VAL B 140 -10.15 -20.38 7.18
N ILE B 141 -9.20 -19.81 7.93
CA ILE B 141 -7.79 -19.89 7.54
C ILE B 141 -7.34 -21.35 7.55
N SER B 142 -7.74 -22.08 8.59
CA SER B 142 -7.40 -23.50 8.72
C SER B 142 -7.91 -24.28 7.53
N GLU B 143 -9.10 -23.93 7.05
CA GLU B 143 -9.71 -24.62 5.92
C GLU B 143 -9.02 -24.28 4.59
N ILE B 144 -8.54 -23.05 4.46
CA ILE B 144 -7.74 -22.70 3.28
C ILE B 144 -6.43 -23.50 3.22
N TYR B 145 -5.76 -23.65 4.36
CA TYR B 145 -4.55 -24.47 4.42
C TYR B 145 -4.84 -25.95 4.14
N GLU B 146 -5.94 -26.45 4.67
CA GLU B 146 -6.37 -27.82 4.35
C GLU B 146 -6.55 -27.98 2.84
N ASP B 147 -7.20 -27.00 2.22
CA ASP B 147 -7.45 -27.07 0.78
C ASP B 147 -6.16 -26.98 -0.03
N LEU B 148 -5.22 -26.15 0.40
CA LEU B 148 -3.88 -26.14 -0.20
C LEU B 148 -3.28 -27.54 -0.19
N ALA B 149 -3.38 -28.20 0.96
CA ALA B 149 -2.79 -29.53 1.12
C ALA B 149 -3.47 -30.61 0.25
N LYS B 150 -4.69 -30.34 -0.19
CA LYS B 150 -5.43 -31.25 -1.07
C LYS B 150 -5.23 -30.90 -2.54
N ALA B 151 -4.54 -29.79 -2.81
CA ALA B 151 -4.43 -29.26 -4.17
C ALA B 151 -3.08 -29.49 -4.83
N ALA B 152 -2.10 -29.94 -4.05
CA ALA B 152 -0.73 -30.08 -4.56
C ALA B 152 0.09 -30.94 -3.62
N HIS B 153 1.29 -31.33 -4.04
CA HIS B 153 2.26 -31.92 -3.13
C HIS B 153 3.39 -30.95 -2.95
N PHE B 154 3.88 -30.82 -1.73
CA PHE B 154 5.00 -29.91 -1.49
C PHE B 154 5.75 -30.35 -0.24
N ASP B 155 6.94 -29.80 -0.06
CA ASP B 155 7.88 -30.32 0.93
C ASP B 155 7.91 -29.51 2.22
N GLY B 156 7.36 -28.31 2.18
CA GLY B 156 7.39 -27.44 3.33
C GLY B 156 6.43 -26.28 3.17
N LEU B 157 6.32 -25.49 4.22
CA LEU B 157 5.55 -24.24 4.22
C LEU B 157 6.47 -23.08 4.53
N LEU B 158 6.24 -21.97 3.83
CA LEU B 158 6.79 -20.68 4.23
C LEU B 158 5.64 -19.81 4.68
N PHE B 159 5.61 -19.54 5.98
CA PHE B 159 4.62 -18.64 6.52
C PHE B 159 5.06 -17.20 6.22
N HIS B 160 4.18 -16.45 5.56
CA HIS B 160 4.45 -15.12 5.00
C HIS B 160 4.70 -14.07 6.09
N ASP B 161 5.25 -12.93 5.70
CA ASP B 161 5.56 -11.86 6.64
C ASP B 161 4.34 -11.04 7.03
N ASP B 162 3.16 -11.48 6.62
CA ASP B 162 1.93 -10.75 6.97
C ASP B 162 1.56 -10.98 8.42
N ALA B 163 2.17 -11.99 9.05
CA ALA B 163 1.87 -12.35 10.43
C ALA B 163 2.62 -11.43 11.39
N VAL B 164 2.09 -10.22 11.54
CA VAL B 164 2.61 -9.23 12.48
C VAL B 164 1.45 -8.67 13.28
N LEU B 165 1.74 -8.22 14.51
CA LEU B 165 0.78 -7.46 15.30
C LEU B 165 1.54 -6.31 15.96
N ASP B 166 1.01 -5.09 15.96
CA ASP B 166 1.76 -4.05 16.66
C ASP B 166 1.28 -3.88 18.10
N ASP B 167 1.77 -2.86 18.79
CA ASP B 167 1.50 -2.76 20.22
C ASP B 167 0.17 -2.09 20.54
N THR B 168 -0.65 -1.88 19.51
CA THR B 168 -2.04 -1.43 19.69
C THR B 168 -3.03 -2.51 19.23
N GLU B 169 -2.49 -3.69 18.87
CA GLU B 169 -3.27 -4.80 18.31
C GLU B 169 -3.05 -6.07 19.12
N ASP B 170 -3.93 -7.07 19.03
CA ASP B 170 -5.26 -7.05 18.43
C ASP B 170 -6.25 -6.55 19.49
N SER B 171 -7.04 -5.53 19.15
CA SER B 171 -7.94 -4.93 20.14
C SER B 171 -9.38 -5.39 20.00
N SER B 172 -9.62 -6.36 19.13
CA SER B 172 -10.97 -6.91 18.93
C SER B 172 -11.48 -7.62 20.19
N PRO B 173 -12.81 -7.71 20.36
CA PRO B 173 -13.36 -8.31 21.59
C PRO B 173 -12.85 -9.74 21.83
N GLU B 174 -12.71 -10.52 20.76
CA GLU B 174 -12.26 -11.90 20.93
C GLU B 174 -10.80 -11.93 21.38
N ALA B 175 -10.02 -10.97 20.92
CA ALA B 175 -8.62 -10.90 21.35
C ALA B 175 -8.54 -10.51 22.82
N LEU B 176 -9.32 -9.50 23.22
CA LEU B 176 -9.33 -9.06 24.62
C LEU B 176 -9.73 -10.20 25.54
N ALA B 177 -10.70 -11.01 25.11
CA ALA B 177 -11.15 -12.15 25.92
C ALA B 177 -10.03 -13.18 26.05
N THR B 178 -9.27 -13.36 24.98
CA THR B 178 -8.13 -14.26 25.01
C THR B 178 -7.07 -13.78 26.00
N TYR B 179 -6.76 -12.47 25.97
CA TYR B 179 -5.79 -11.91 26.92
C TYR B 179 -6.24 -12.10 28.37
N GLN B 180 -7.54 -12.02 28.62
CA GLN B 180 -8.05 -12.23 29.95
C GLN B 180 -7.75 -13.67 30.40
N GLY B 181 -7.82 -14.59 29.45
CA GLY B 181 -7.46 -15.97 29.71
C GLY B 181 -6.00 -16.15 30.08
N TRP B 182 -5.15 -15.22 29.62
CA TRP B 182 -3.74 -15.22 29.99
C TRP B 182 -3.50 -14.59 31.36
N GLY B 183 -4.56 -14.07 31.98
CA GLY B 183 -4.42 -13.42 33.28
C GLY B 183 -4.18 -11.92 33.18
N LEU B 184 -4.43 -11.35 32.01
CA LEU B 184 -4.26 -9.92 31.77
C LEU B 184 -5.61 -9.22 31.82
N PRO B 185 -5.61 -7.92 32.16
CA PRO B 185 -6.85 -7.16 32.03
C PRO B 185 -7.24 -7.03 30.55
N PRO B 186 -8.53 -7.16 30.24
CA PRO B 186 -8.99 -7.03 28.84
C PRO B 186 -9.02 -5.57 28.40
N ASP B 187 -7.86 -4.93 28.45
CA ASP B 187 -7.76 -3.49 28.37
C ASP B 187 -6.33 -3.20 27.94
N ILE B 188 -6.16 -2.86 26.67
CA ILE B 188 -4.82 -2.70 26.10
C ILE B 188 -4.09 -1.50 26.73
N ALA B 189 -4.81 -0.42 27.01
CA ALA B 189 -4.19 0.73 27.68
C ALA B 189 -3.64 0.31 29.05
N ALA B 190 -4.41 -0.48 29.79
CA ALA B 190 -3.97 -0.94 31.11
C ALA B 190 -2.77 -1.90 30.98
N ILE B 191 -2.80 -2.75 29.97
CA ILE B 191 -1.68 -3.67 29.75
C ILE B 191 -0.42 -2.89 29.39
N ARG B 192 -0.55 -1.97 28.45
CA ARG B 192 0.58 -1.20 27.94
C ARG B 192 1.23 -0.34 29.03
N ALA B 193 0.42 0.08 30.00
CA ALA B 193 0.87 1.03 31.02
C ALA B 193 1.75 0.39 32.08
N ASP B 194 1.64 -0.92 32.23
CA ASP B 194 2.44 -1.66 33.22
C ASP B 194 3.58 -2.36 32.48
N PRO B 195 4.83 -1.96 32.75
CA PRO B 195 5.97 -2.54 32.04
C PRO B 195 6.04 -4.07 32.11
N LYS B 196 5.66 -4.66 33.24
CA LYS B 196 5.70 -6.11 33.38
C LYS B 196 4.61 -6.74 32.51
N LEU B 197 3.39 -6.21 32.59
CA LEU B 197 2.29 -6.73 31.78
C LEU B 197 2.52 -6.53 30.30
N ALA B 198 3.12 -5.39 29.94
CA ALA B 198 3.38 -5.09 28.52
C ALA B 198 4.34 -6.13 27.93
N GLN B 199 5.34 -6.50 28.71
CA GLN B 199 6.30 -7.53 28.28
C GLN B 199 5.62 -8.90 28.14
N GLN B 200 4.80 -9.25 29.14
CA GLN B 200 4.08 -10.53 29.09
C GLN B 200 3.14 -10.60 27.90
N TRP B 201 2.48 -9.47 27.63
CA TRP B 201 1.53 -9.39 26.52
C TRP B 201 2.23 -9.52 25.19
N SER B 202 3.36 -8.83 25.05
CA SER B 202 4.14 -8.92 23.83
C SER B 202 4.54 -10.37 23.55
N LYS B 203 5.08 -11.04 24.57
CA LYS B 203 5.53 -12.42 24.39
C LYS B 203 4.35 -13.36 24.15
N GLY B 204 3.23 -13.06 24.80
CA GLY B 204 2.01 -13.84 24.62
C GLY B 204 1.51 -13.81 23.19
N LYS B 205 1.46 -12.62 22.61
CA LYS B 205 1.04 -12.49 21.22
C LYS B 205 2.02 -13.20 20.27
N ILE B 206 3.31 -13.08 20.54
CA ILE B 206 4.32 -13.78 19.72
C ILE B 206 4.05 -15.27 19.75
N ARG B 207 3.85 -15.82 20.94
CA ARG B 207 3.60 -17.25 21.08
C ARG B 207 2.26 -17.66 20.50
N TYR B 208 1.24 -16.79 20.62
CA TYR B 208 -0.05 -17.11 20.05
C TYR B 208 0.03 -17.26 18.52
N LEU B 209 0.71 -16.34 17.84
CA LEU B 209 0.87 -16.45 16.38
C LEU B 209 1.68 -17.69 16.02
N ILE B 210 2.73 -17.98 16.79
CA ILE B 210 3.49 -19.19 16.50
C ILE B 210 2.64 -20.43 16.66
N ASP B 211 1.86 -20.49 17.76
CA ASP B 211 1.02 -21.66 18.00
C ASP B 211 -0.03 -21.82 16.89
N PHE B 212 -0.51 -20.69 16.38
CA PHE B 212 -1.46 -20.75 15.27
C PHE B 212 -0.79 -21.36 14.03
N THR B 213 0.42 -20.93 13.71
CA THR B 213 1.13 -21.54 12.56
C THR B 213 1.43 -23.02 12.81
N MET B 214 1.61 -23.42 14.07
CA MET B 214 1.83 -24.84 14.34
C MET B 214 0.56 -25.65 14.12
N HIS B 215 -0.58 -25.05 14.44
CA HIS B 215 -1.90 -25.63 14.13
C HIS B 215 -2.03 -25.84 12.61
N LEU B 216 -1.67 -24.82 11.84
CA LEU B 216 -1.72 -24.90 10.38
C LEU B 216 -0.77 -25.98 9.86
N ARG B 217 0.41 -26.05 10.45
CA ARG B 217 1.37 -27.07 10.04
C ARG B 217 0.83 -28.47 10.28
N HIS B 218 0.17 -28.66 11.43
CA HIS B 218 -0.43 -29.94 11.80
C HIS B 218 -1.47 -30.36 10.76
N ILE B 219 -2.34 -29.42 10.40
CA ILE B 219 -3.36 -29.67 9.37
C ILE B 219 -2.73 -30.09 8.04
N VAL B 220 -1.76 -29.33 7.56
CA VAL B 220 -1.14 -29.59 6.27
C VAL B 220 -0.36 -30.90 6.27
N SER B 221 0.34 -31.17 7.37
CA SER B 221 1.14 -32.38 7.49
C SER B 221 0.25 -33.61 7.39
N GLY B 222 -0.90 -33.55 8.04
CA GLY B 222 -1.85 -34.65 7.99
C GLY B 222 -2.36 -34.92 6.59
N TYR B 223 -2.75 -33.87 5.88
CA TYR B 223 -3.32 -34.06 4.56
C TYR B 223 -2.24 -34.33 3.51
N GLN B 224 -0.99 -33.99 3.82
CA GLN B 224 0.12 -34.31 2.94
C GLN B 224 0.68 -35.68 3.25
N ASN B 225 0.18 -36.30 4.31
CA ASN B 225 0.67 -37.61 4.76
C ASN B 225 2.18 -37.54 4.91
N ASP B 226 2.65 -36.40 5.41
CA ASP B 226 4.07 -36.09 5.42
C ASP B 226 4.53 -35.64 6.81
N ARG B 227 5.03 -36.59 7.59
CA ARG B 227 5.51 -36.29 8.94
C ARG B 227 6.78 -35.44 8.89
N ASP B 228 7.39 -35.35 7.71
CA ASP B 228 8.62 -34.60 7.52
C ASP B 228 8.37 -33.24 6.90
N MET B 229 7.20 -32.67 7.14
CA MET B 229 6.87 -31.33 6.65
C MET B 229 7.76 -30.28 7.32
N VAL B 230 8.56 -29.59 6.51
CA VAL B 230 9.47 -28.55 6.99
C VAL B 230 8.72 -27.23 7.08
N VAL B 231 8.97 -26.43 8.11
CA VAL B 231 8.33 -25.10 8.14
C VAL B 231 9.33 -23.99 8.34
N ALA B 232 9.11 -22.91 7.60
CA ALA B 232 9.88 -21.71 7.70
C ALA B 232 8.92 -20.54 7.91
N ARG B 233 9.39 -19.47 8.54
CA ARG B 233 8.58 -18.26 8.64
C ARG B 233 9.43 -17.01 8.41
N ASN B 234 8.87 -16.04 7.69
CA ASN B 234 9.54 -14.77 7.47
C ASN B 234 9.65 -13.97 8.76
N LEU B 235 10.83 -13.43 9.01
CA LEU B 235 11.09 -12.63 10.19
C LEU B 235 11.68 -11.29 9.77
N TYR B 236 11.10 -10.20 10.25
CA TYR B 236 11.64 -8.87 9.99
C TYR B 236 12.95 -8.65 10.73
N ALA B 237 13.78 -7.76 10.17
CA ALA B 237 15.11 -7.52 10.76
C ALA B 237 15.07 -6.66 12.03
N GLN B 238 14.10 -5.77 12.16
CA GLN B 238 14.10 -4.88 13.32
C GLN B 238 14.01 -5.63 14.66
N PRO B 239 13.15 -6.66 14.76
CA PRO B 239 13.13 -7.40 16.04
C PRO B 239 14.43 -8.14 16.34
N VAL B 240 15.28 -8.34 15.33
CA VAL B 240 16.58 -8.96 15.54
C VAL B 240 17.59 -7.90 15.96
N LEU B 241 17.60 -6.78 15.23
CA LEU B 241 18.59 -5.73 15.50
C LEU B 241 18.28 -4.99 16.79
N ASP B 242 16.99 -4.88 17.10
CA ASP B 242 16.53 -4.14 18.27
C ASP B 242 15.36 -4.88 18.90
N PRO B 243 15.66 -5.85 19.77
CA PRO B 243 14.65 -6.77 20.31
C PRO B 243 13.52 -6.09 21.06
N VAL B 244 13.69 -4.84 21.50
CA VAL B 244 12.58 -4.16 22.15
CA VAL B 244 12.59 -4.11 22.13
C VAL B 244 11.41 -4.02 21.16
N SER B 245 11.73 -3.97 19.87
CA SER B 245 10.69 -3.82 18.83
C SER B 245 9.84 -5.07 18.65
N GLU B 246 10.19 -6.17 19.32
CA GLU B 246 9.27 -7.33 19.38
C GLU B 246 7.86 -6.90 19.75
N ALA B 247 7.77 -5.91 20.63
CA ALA B 247 6.50 -5.43 21.15
C ALA B 247 5.59 -4.83 20.07
N TRP B 248 6.15 -4.32 18.97
CA TRP B 248 5.25 -3.82 17.92
C TRP B 248 5.41 -4.56 16.59
N TYR B 249 6.03 -5.73 16.62
CA TYR B 249 6.05 -6.61 15.46
C TYR B 249 5.29 -7.92 15.68
N GLY B 250 5.29 -8.44 16.91
CA GLY B 250 4.64 -9.72 17.15
C GLY B 250 5.51 -10.85 16.61
N GLN B 251 6.79 -10.56 16.46
CA GLN B 251 7.78 -11.55 16.00
C GLN B 251 9.01 -11.51 16.91
N SER B 252 9.77 -12.61 16.96
CA SER B 252 10.93 -12.69 17.84
C SER B 252 11.91 -13.74 17.33
N LEU B 253 13.21 -13.41 17.30
CA LEU B 253 14.18 -14.39 16.80
C LEU B 253 14.28 -15.63 17.70
N PRO B 254 14.48 -15.45 19.03
CA PRO B 254 14.62 -16.67 19.84
C PRO B 254 13.36 -17.56 19.81
N GLU B 255 12.18 -16.96 19.82
CA GLU B 255 10.97 -17.77 19.77
C GLU B 255 10.82 -18.45 18.40
N PHE B 256 11.19 -17.76 17.33
CA PHE B 256 11.13 -18.37 16.00
C PHE B 256 12.12 -19.54 15.91
N LEU B 257 13.30 -19.38 16.48
CA LEU B 257 14.31 -20.44 16.41
C LEU B 257 13.85 -21.70 17.15
N LYS B 258 13.04 -21.54 18.18
CA LYS B 258 12.58 -22.69 18.94
C LYS B 258 11.46 -23.44 18.24
N SER B 259 10.78 -22.77 17.30
CA SER B 259 9.55 -23.30 16.75
C SER B 259 9.56 -23.67 15.27
N TYR B 260 10.38 -23.00 14.47
CA TYR B 260 10.43 -23.30 13.03
C TYR B 260 11.71 -24.05 12.68
N ASP B 261 11.66 -24.88 11.64
CA ASP B 261 12.88 -25.53 11.18
C ASP B 261 13.88 -24.51 10.67
N PHE B 262 13.36 -23.52 9.93
CA PHE B 262 14.19 -22.42 9.43
C PHE B 262 13.52 -21.07 9.66
N VAL B 263 14.35 -20.06 9.92
CA VAL B 263 13.87 -18.70 10.06
C VAL B 263 14.26 -17.96 8.78
N ALA B 264 13.28 -17.47 8.03
CA ALA B 264 13.56 -16.76 6.78
C ALA B 264 13.71 -15.27 7.09
N LEU B 265 14.89 -14.88 7.52
CA LEU B 265 15.16 -13.52 7.97
C LEU B 265 15.30 -12.61 6.78
N MET B 266 14.54 -11.51 6.78
CA MET B 266 14.54 -10.63 5.63
C MET B 266 15.72 -9.66 5.74
N ALA B 267 16.84 -10.12 5.23
CA ALA B 267 18.11 -9.41 5.32
C ALA B 267 18.24 -8.44 4.14
N MET B 268 17.46 -7.36 4.21
CA MET B 268 17.23 -6.51 3.06
C MET B 268 17.44 -5.05 3.42
N PRO B 269 18.71 -4.62 3.49
CA PRO B 269 19.02 -3.26 3.95
C PRO B 269 18.46 -2.17 3.03
N ASN B 270 18.30 -2.47 1.75
CA ASN B 270 17.74 -1.50 0.81
C ASN B 270 16.28 -1.22 1.19
N MET B 271 15.50 -2.28 1.37
CA MET B 271 14.11 -2.14 1.80
C MET B 271 14.01 -1.44 3.15
N GLU B 272 14.92 -1.77 4.07
CA GLU B 272 14.91 -1.19 5.41
C GLU B 272 15.42 0.25 5.43
N GLY B 273 16.01 0.69 4.33
CA GLY B 273 16.52 2.06 4.23
C GLY B 273 17.80 2.29 5.01
N ALA B 274 18.64 1.26 5.11
CA ALA B 274 19.88 1.36 5.87
C ALA B 274 20.88 2.32 5.23
N ALA B 275 21.42 3.23 6.04
CA ALA B 275 22.41 4.19 5.56
C ALA B 275 23.75 3.52 5.24
N ARG B 276 24.07 2.47 5.99
CA ARG B 276 25.33 1.74 5.83
C ARG B 276 25.07 0.24 5.68
N PRO B 277 24.73 -0.19 4.46
CA PRO B 277 24.23 -1.56 4.26
C PRO B 277 25.23 -2.65 4.63
N GLU B 278 26.53 -2.41 4.51
CA GLU B 278 27.49 -3.45 4.86
C GLU B 278 27.62 -3.57 6.38
N GLN B 279 27.67 -2.44 7.08
CA GLN B 279 27.64 -2.47 8.54
C GLN B 279 26.35 -3.10 9.03
N TRP B 280 25.26 -2.72 8.38
CA TRP B 280 23.95 -3.23 8.75
C TRP B 280 23.92 -4.76 8.68
N MET B 281 24.46 -5.32 7.60
CA MET B 281 24.48 -6.78 7.47
C MET B 281 25.37 -7.42 8.52
N ARG B 282 26.51 -6.79 8.82
CA ARG B 282 27.41 -7.28 9.86
C ARG B 282 26.69 -7.35 11.20
N GLN B 283 25.98 -6.28 11.54
CA GLN B 283 25.24 -6.22 12.80
C GLN B 283 24.12 -7.26 12.84
N LEU B 284 23.49 -7.50 11.71
CA LEU B 284 22.41 -8.48 11.64
C LEU B 284 22.95 -9.88 11.90
N VAL B 285 24.02 -10.25 11.21
CA VAL B 285 24.65 -11.54 11.44
C VAL B 285 25.11 -11.69 12.90
N ALA B 286 25.72 -10.64 13.46
CA ALA B 286 26.20 -10.69 14.84
C ALA B 286 25.04 -10.96 15.81
N ALA B 287 23.90 -10.31 15.56
CA ALA B 287 22.73 -10.50 16.42
C ALA B 287 22.20 -11.93 16.33
N VAL B 288 22.18 -12.49 15.11
CA VAL B 288 21.75 -13.88 14.93
C VAL B 288 22.72 -14.83 15.64
N ALA B 289 24.01 -14.55 15.50
CA ALA B 289 25.05 -15.38 16.14
C ALA B 289 24.90 -15.36 17.66
N ARG B 290 24.53 -14.21 18.21
CA ARG B 290 24.36 -14.04 19.65
C ARG B 290 23.25 -14.95 20.17
N GLN B 291 22.25 -15.20 19.32
CA GLN B 291 21.13 -16.07 19.68
C GLN B 291 21.36 -17.51 19.22
N LYS B 292 22.61 -17.80 18.82
CA LYS B 292 23.00 -19.12 18.32
C LYS B 292 22.13 -19.59 17.17
N GLY B 293 21.80 -18.68 16.26
CA GLY B 293 20.84 -18.98 15.21
C GLY B 293 21.39 -19.20 13.81
N LEU B 294 22.70 -19.23 13.65
CA LEU B 294 23.24 -19.28 12.28
C LEU B 294 22.92 -20.59 11.57
N ASP B 295 22.78 -21.68 12.32
CA ASP B 295 22.54 -22.98 11.71
C ASP B 295 21.14 -23.07 11.09
N ARG B 296 20.17 -22.34 11.63
CA ARG B 296 18.82 -22.47 11.07
C ARG B 296 18.23 -21.14 10.61
N THR B 297 19.02 -20.09 10.62
CA THR B 297 18.55 -18.83 10.04
C THR B 297 18.98 -18.74 8.59
N ILE B 298 18.00 -18.52 7.71
CA ILE B 298 18.27 -18.25 6.30
C ILE B 298 18.24 -16.74 6.06
N PHE B 299 19.38 -16.19 5.64
CA PHE B 299 19.43 -14.77 5.35
C PHE B 299 18.87 -14.54 3.96
N GLU B 300 17.63 -14.12 3.90
CA GLU B 300 16.95 -13.94 2.62
C GLU B 300 17.21 -12.53 2.11
N LEU B 301 17.93 -12.44 0.99
CA LEU B 301 18.36 -11.18 0.41
C LEU B 301 17.38 -10.69 -0.65
N GLN B 302 17.42 -9.39 -0.96
CA GLN B 302 16.57 -8.87 -2.03
C GLN B 302 17.34 -8.72 -3.34
N ALA B 303 16.72 -9.21 -4.42
CA ALA B 303 17.32 -9.13 -5.75
C ALA B 303 16.69 -8.00 -6.55
N ARG B 304 15.67 -7.38 -5.97
CA ARG B 304 14.98 -6.30 -6.64
C ARG B 304 14.80 -5.15 -5.66
N ASP B 305 14.92 -3.92 -6.18
CA ASP B 305 14.61 -2.72 -5.41
C ASP B 305 13.15 -2.37 -5.72
N TRP B 306 12.23 -2.78 -4.85
CA TRP B 306 10.82 -2.70 -5.16
C TRP B 306 10.27 -1.28 -5.18
N ARG B 307 10.83 -0.41 -4.34
CA ARG B 307 10.34 0.96 -4.26
C ARG B 307 10.67 1.73 -5.55
N VAL B 308 11.86 1.49 -6.09
CA VAL B 308 12.31 2.17 -7.30
C VAL B 308 11.90 1.37 -8.53
N GLY B 309 11.63 0.09 -8.36
CA GLY B 309 11.15 -0.74 -9.45
C GLY B 309 12.26 -1.12 -10.40
N LYS B 310 13.41 -1.49 -9.84
CA LYS B 310 14.58 -1.87 -10.62
C LYS B 310 15.25 -3.10 -10.02
N PRO B 311 15.81 -3.96 -10.88
CA PRO B 311 16.66 -5.04 -10.37
C PRO B 311 17.89 -4.50 -9.66
N ILE B 312 18.32 -5.19 -8.62
CA ILE B 312 19.57 -4.86 -7.97
C ILE B 312 20.69 -5.57 -8.72
N ASP B 313 21.77 -4.85 -9.01
CA ASP B 313 22.94 -5.44 -9.69
C ASP B 313 23.33 -6.79 -9.09
N THR B 314 23.45 -7.81 -9.93
CA THR B 314 23.79 -9.15 -9.45
C THR B 314 25.10 -9.13 -8.66
N GLU B 315 26.02 -8.26 -9.02
CA GLU B 315 27.29 -8.18 -8.29
C GLU B 315 27.07 -7.68 -6.87
N ILE B 316 26.05 -6.85 -6.67
CA ILE B 316 25.75 -6.37 -5.33
C ILE B 316 25.17 -7.51 -4.49
N LEU B 317 24.27 -8.27 -5.11
CA LEU B 317 23.67 -9.43 -4.46
C LEU B 317 24.77 -10.44 -4.12
N ARG B 318 25.65 -10.70 -5.08
CA ARG B 318 26.72 -11.66 -4.83
C ARG B 318 27.64 -11.18 -3.71
N ARG B 319 27.93 -9.87 -3.69
CA ARG B 319 28.76 -9.31 -2.63
C ARG B 319 28.14 -9.57 -1.26
N GLN B 320 26.81 -9.46 -1.16
CA GLN B 320 26.14 -9.72 0.10
C GLN B 320 26.27 -11.18 0.51
N MET B 321 26.14 -12.08 -0.46
CA MET B 321 26.31 -13.50 -0.19
C MET B 321 27.74 -13.81 0.29
N VAL B 322 28.74 -13.22 -0.34
CA VAL B 322 30.11 -13.42 0.07
C VAL B 322 30.34 -12.84 1.47
N GLN B 323 29.74 -11.67 1.75
CA GLN B 323 29.89 -11.10 3.08
C GLN B 323 29.31 -12.05 4.13
N LEU B 324 28.11 -12.58 3.85
CA LEU B 324 27.46 -13.54 4.75
C LEU B 324 28.36 -14.74 5.02
N ARG B 325 28.87 -15.32 3.94
CA ARG B 325 29.78 -16.46 4.06
C ARG B 325 30.99 -16.11 4.92
N SER B 326 31.55 -14.92 4.75
CA SER B 326 32.77 -14.54 5.49
C SER B 326 32.49 -14.40 6.98
N LEU B 327 31.23 -14.23 7.33
CA LEU B 327 30.83 -14.04 8.72
C LEU B 327 30.26 -15.30 9.33
N GLY B 328 30.26 -16.40 8.58
CA GLY B 328 29.82 -17.68 9.10
C GLY B 328 28.34 -17.97 8.89
N ALA B 329 27.68 -17.15 8.08
CA ALA B 329 26.26 -17.34 7.82
C ALA B 329 26.07 -18.09 6.53
N ILE B 330 25.88 -19.40 6.61
CA ILE B 330 25.95 -20.23 5.40
C ILE B 330 24.60 -20.59 4.77
N ASN B 331 23.50 -20.18 5.40
CA ASN B 331 22.19 -20.37 4.79
C ASN B 331 21.66 -19.04 4.30
N TYR B 332 21.29 -18.95 3.03
CA TYR B 332 20.82 -17.69 2.48
C TYR B 332 20.08 -17.94 1.17
N GLY B 333 19.59 -16.89 0.57
CA GLY B 333 18.86 -17.01 -0.69
C GLY B 333 18.41 -15.65 -1.16
N TYR B 334 17.56 -15.60 -2.18
CA TYR B 334 17.09 -14.29 -2.61
C TYR B 334 15.63 -14.29 -3.05
N TYR B 335 15.08 -13.09 -3.09
CA TYR B 335 13.72 -12.84 -3.56
C TYR B 335 13.76 -11.49 -4.27
N PRO B 336 13.16 -11.38 -5.47
CA PRO B 336 12.44 -12.34 -6.29
C PRO B 336 13.31 -12.86 -7.43
N ASP B 337 12.88 -13.95 -8.05
CA ASP B 337 13.51 -14.38 -9.29
C ASP B 337 12.78 -13.79 -10.49
N ASP B 338 13.50 -12.95 -11.24
CA ASP B 338 12.94 -12.37 -12.46
C ASP B 338 13.41 -13.22 -13.63
N PHE B 339 12.79 -14.39 -13.77
CA PHE B 339 13.27 -15.38 -14.75
C PHE B 339 13.09 -14.95 -16.20
N ILE B 340 12.16 -14.04 -16.47
CA ILE B 340 11.95 -13.58 -17.83
C ILE B 340 13.10 -12.67 -18.28
N ALA B 341 13.66 -11.94 -17.33
CA ALA B 341 14.71 -10.98 -17.64
C ALA B 341 16.11 -11.47 -17.25
N ASN B 342 16.21 -12.75 -16.89
CA ASN B 342 17.44 -13.34 -16.37
C ASN B 342 18.03 -12.46 -15.28
N HIS B 343 17.22 -12.15 -14.28
CA HIS B 343 17.75 -11.46 -13.14
C HIS B 343 17.30 -12.09 -11.84
N PRO B 344 18.26 -12.37 -10.94
CA PRO B 344 19.70 -12.08 -11.07
C PRO B 344 20.39 -12.98 -12.10
N ASP B 345 21.59 -12.58 -12.50
CA ASP B 345 22.41 -13.32 -13.45
C ASP B 345 22.78 -14.67 -12.86
N ALA B 346 22.14 -15.73 -13.36
CA ALA B 346 22.37 -17.08 -12.86
C ALA B 346 23.83 -17.52 -12.94
N GLU B 347 24.49 -17.15 -14.03
CA GLU B 347 25.88 -17.51 -14.26
C GLU B 347 26.79 -16.89 -13.21
N ALA B 348 26.49 -15.65 -12.84
CA ALA B 348 27.32 -14.93 -11.88
C ALA B 348 27.08 -15.44 -10.46
N LEU B 349 25.86 -15.90 -10.18
CA LEU B 349 25.49 -16.39 -8.85
C LEU B 349 25.74 -17.86 -8.62
N ARG B 350 25.98 -18.61 -9.68
CA ARG B 350 26.08 -20.06 -9.59
C ARG B 350 27.08 -20.52 -8.51
N ASP B 351 28.24 -19.87 -8.40
CA ASP B 351 29.24 -20.39 -7.49
C ASP B 351 28.90 -20.17 -6.01
N VAL B 352 27.96 -19.29 -5.72
CA VAL B 352 27.58 -19.12 -4.32
C VAL B 352 26.16 -19.63 -4.03
N MET B 353 25.40 -19.95 -5.07
CA MET B 353 24.02 -20.40 -4.85
C MET B 353 23.79 -21.89 -5.11
N SER B 354 24.64 -22.51 -5.92
CA SER B 354 24.40 -23.90 -6.32
C SER B 354 24.91 -24.88 -5.27
N LEU B 355 24.32 -26.07 -5.22
CA LEU B 355 24.69 -27.06 -4.23
C LEU B 355 25.85 -27.94 -4.69
N LYS B 356 26.98 -27.84 -3.99
CA LYS B 356 27.13 -26.97 -2.83
C LYS B 356 28.51 -26.32 -2.74
N SER B 357 28.55 -25.11 -2.19
CA SER B 357 29.79 -24.37 -2.02
C SER B 357 30.00 -23.96 -0.57
#